data_9EJC
#
_entry.id   9EJC
#
_cell.length_a   1.00
_cell.length_b   1.00
_cell.length_c   1.00
_cell.angle_alpha   90.00
_cell.angle_beta   90.00
_cell.angle_gamma   90.00
#
_symmetry.space_group_name_H-M   'P 1'
#
loop_
_entity.id
_entity.type
_entity.pdbx_description
1 polymer 'Guanine nucleotide-binding protein G(I)/G(S)/G(T) subunit beta-1'
2 polymer 'Guanine nucleotide-binding protein G(I)/G(S)/G(O) subunit gamma-2'
3 polymer 'viral G-protein coupled receptor'
4 polymer 'Growth-regulated alpha protein'
5 polymer 'Guanine nucleotide-binding protein G(i) subunit alpha-1'
6 polymer 'scFv Recombinant Mouse Monoclonal Antibody (scFv16)'
#
loop_
_entity_poly.entity_id
_entity_poly.type
_entity_poly.pdbx_seq_one_letter_code
_entity_poly.pdbx_strand_id
1 'polypeptide(L)'
;HHHHHHHHLEVLFQGPPGSSGSELDQLRQEAEQLKNQIRDARKACADATLSQITNNIDPVGRIQMRTRRTLRGHLAKIYA
MHWGTDSRLLVSASQDGKLIIWDSYTTNKVHAIPLRSSWVMTCAYAPSGNYVACGGLDNICSIYNLKTREGNVRVSRELA
GHTGYLSCCRFLDDNQIVTSSGDTTCALWDIETGQQTTTFTGHTGDVMSLSLAPDTRLFVSGACDASAKLWDVREGMCRQ
TFTGHESDINAICFFPNGNAFATGSDDATCRLFDLRADQELMTYSHDNIICGITSVSFSKSGRLLLAGYDDFNCNVWDAL
KADRAGVLAGHDNRVSCLGVTDDGMAVATGSWDSFLKIWN
;
B
2 'polypeptide(L)' MASNNTASIAQARKLVEQLKMEANIDRIKVSKAAADLMAYCEAHAKEDPLLTPVPASENPFREKKFFCAIL C
3 'polypeptide(L)'
;MAAEDFLTIFLDDDESWNETLNMSGYDYSCNFSLEVSVCEMTTVVPYTWNVGILSLIFLINVLGNGLVTYIFCKHRSRAG
AIDILLLGICLNSLCLSISLLAEVLMFLFPNIISTGLCRLEIFFYYLYVYLDIFSVVCVSLVRYLLVAYSTRSWPKKQSL
GWVLTSAAWLIALVLSGDACRHRSRVVDPVSKQAMCYENAGNMTADWRLHVRTVSVTAGFLLPLALLILFYALTWCVVRR
TKLQARRKVRGVIVAVVVLFFVFCFPYHVLNLLDTLLRRRWIRDSCYTRGLINVGLAVTSLLQALYSAVVPLIYSCLGSL
FRQRMYGLFQSLRQSFMSGADYKDDDDK
;
E
4 'polypeptide(L)'
;ASVATELRCQCLQTLQGIHPKCIQSVNVKSPGPHCAQTEVIATLKNGRKACLNPASPIVKKIIEKMLNSDKSNLEVLFQG
PHHHHHHHHHH
;
F
5 'polypeptide(L)'
;MGCTLSAEDKAAVERSKMIDRNLREDGEKAAREVKLLLLGAGESGKSTIVKQMKIIHEAGYSEEECKQYKAVVYSNTIQS
IIAIIRAMGRLKIDFGDSARADDARQLFVLAGAAEEGFMTAELAGVIKRLWKDSGVQACFNRSREYQLNDSAAYYLNDLD
RIAQPNYIPTQQDVLRTRVKTTGIVETHFTFKDLHFKMFDVGGQRSERKKWIHCFEGVTAIIFCVALSDYDLVLAEDEEM
NRMHESMKLFDSICNNKWFTDTSIILFLNKKDLFEEKIKKSPLTICYPEYAGSNTYEEAAAYIQCQFEDLNKRKDTKEIY
THFTCATDTKNVQFVFDAVTDVIIKNNLKDCGLF
;
A
6 'polypeptide(L)'
;METDTLLLWVLLLWVPGSTGDVQLVESGGGLVQPGGSRKLSCSASGFAFSSFGMHWVRQAPEKGLEWVAYISSGSGTIYY
ADTVKGRFTISRDDPKNTLFLQMTSLRSEDTAMYYCVRSIYYYGSSPFDFWGQGTTLTVSSGGGGSGGGGSGGGGSDIVM
TQATSSVPVTPGESVSISCRSSKSLLHSNGNTYLYWFLQRPGQSPQLLIYRMSNLASGVPDRFSGSGSGTAFTLTISRLE
AEDVGVYYCMQHLEYPLTFGAGTKLELKAAALEVLFQGPHHHHHHHH
;
D
#
# COMPACT_ATOMS: atom_id res chain seq x y z
N ASP A 25 -63.01 4.19 -5.86
CA ASP A 25 -62.02 4.87 -4.98
C ASP A 25 -61.43 6.07 -5.71
N GLN A 26 -62.03 7.24 -5.48
CA GLN A 26 -61.64 8.45 -6.19
C GLN A 26 -60.30 9.02 -5.72
N LEU A 27 -59.73 8.51 -4.63
CA LEU A 27 -58.42 9.00 -4.19
C LEU A 27 -57.34 8.64 -5.18
N ARG A 28 -57.34 7.40 -5.67
CA ARG A 28 -56.38 7.01 -6.70
C ARG A 28 -56.61 7.80 -7.98
N GLN A 29 -57.87 8.09 -8.29
CA GLN A 29 -58.18 8.93 -9.45
C GLN A 29 -57.58 10.31 -9.29
N GLU A 30 -57.69 10.90 -8.10
CA GLU A 30 -57.08 12.20 -7.85
C GLU A 30 -55.57 12.13 -8.00
N ALA A 31 -54.96 11.07 -7.46
CA ALA A 31 -53.50 10.94 -7.55
C ALA A 31 -53.04 10.87 -8.99
N GLU A 32 -53.68 10.01 -9.79
CA GLU A 32 -53.27 9.87 -11.19
C GLU A 32 -53.57 11.12 -11.99
N GLN A 33 -54.69 11.80 -11.68
CA GLN A 33 -54.99 13.05 -12.36
C GLN A 33 -53.93 14.10 -12.07
N LEU A 34 -53.48 14.19 -10.82
CA LEU A 34 -52.43 15.14 -10.49
C LEU A 34 -51.12 14.76 -11.17
N LYS A 35 -50.80 13.46 -11.25
CA LYS A 35 -49.61 13.05 -11.97
C LYS A 35 -49.65 13.51 -13.43
N ASN A 36 -50.79 13.27 -14.09
CA ASN A 36 -50.94 13.70 -15.48
C ASN A 36 -50.85 15.22 -15.59
N GLN A 37 -51.42 15.94 -14.63
CA GLN A 37 -51.37 17.40 -14.66
C GLN A 37 -49.95 17.91 -14.51
N ILE A 38 -49.16 17.30 -13.63
CA ILE A 38 -47.77 17.69 -13.49
C ILE A 38 -47.02 17.44 -14.79
N ARG A 39 -47.28 16.29 -15.44
CA ARG A 39 -46.64 16.05 -16.73
C ARG A 39 -47.00 17.14 -17.72
N ASP A 40 -48.28 17.50 -17.79
CA ASP A 40 -48.73 18.52 -18.73
C ASP A 40 -48.08 19.87 -18.43
N ALA A 41 -47.97 20.22 -17.15
CA ALA A 41 -47.34 21.49 -16.80
C ALA A 41 -45.87 21.49 -17.17
N ARG A 42 -45.16 20.39 -16.91
CA ARG A 42 -43.74 20.33 -17.21
C ARG A 42 -43.49 20.42 -18.70
N LYS A 43 -44.28 19.70 -19.52
CA LYS A 43 -44.03 19.70 -20.95
C LYS A 43 -44.23 21.08 -21.57
N ALA A 44 -45.01 21.96 -20.92
CA ALA A 44 -45.25 23.29 -21.46
C ALA A 44 -44.07 24.23 -21.29
N CYS A 45 -43.26 24.03 -20.24
CA CYS A 45 -42.16 24.96 -19.97
C CYS A 45 -41.09 24.91 -21.05
N ALA A 46 -40.75 23.72 -21.55
CA ALA A 46 -39.65 23.58 -22.48
C ALA A 46 -39.95 24.29 -23.79
N ASP A 47 -38.97 25.04 -24.29
CA ASP A 47 -39.06 25.67 -25.61
C ASP A 47 -37.83 25.44 -26.47
N ALA A 48 -36.67 25.15 -25.89
CA ALA A 48 -35.47 24.84 -26.66
C ALA A 48 -34.52 24.09 -25.75
N THR A 49 -34.15 22.88 -26.14
CA THR A 49 -33.31 22.04 -25.30
C THR A 49 -31.95 22.69 -25.10
N LEU A 50 -31.31 22.38 -23.97
CA LEU A 50 -30.02 22.98 -23.66
C LEU A 50 -28.98 22.64 -24.71
N SER A 51 -29.15 21.53 -25.43
CA SER A 51 -28.19 21.18 -26.47
C SER A 51 -28.18 22.22 -27.58
N GLN A 52 -29.37 22.68 -28.01
CA GLN A 52 -29.43 23.68 -29.08
C GLN A 52 -28.82 24.99 -28.65
N ILE A 53 -29.16 25.47 -27.45
CA ILE A 53 -28.70 26.79 -27.01
C ILE A 53 -27.18 26.82 -26.89
N THR A 54 -26.60 25.76 -26.33
CA THR A 54 -25.18 25.74 -26.01
C THR A 54 -24.33 25.15 -27.13
N ASN A 55 -24.94 24.79 -28.26
CA ASN A 55 -24.17 24.18 -29.36
C ASN A 55 -23.16 25.15 -29.96
N ASN A 56 -23.31 26.45 -29.73
CA ASN A 56 -22.45 27.45 -30.35
C ASN A 56 -21.22 27.79 -29.52
N ILE A 57 -21.04 27.19 -28.35
CA ILE A 57 -19.91 27.48 -27.49
C ILE A 57 -18.73 26.63 -27.94
N ASP A 58 -17.52 27.15 -27.73
CA ASP A 58 -16.33 26.39 -28.07
C ASP A 58 -16.19 25.18 -27.16
N PRO A 59 -15.71 24.05 -27.68
CA PRO A 59 -15.54 22.87 -26.82
C PRO A 59 -14.40 23.07 -25.84
N VAL A 60 -14.48 22.31 -24.73
CA VAL A 60 -13.47 22.40 -23.68
C VAL A 60 -12.16 21.73 -24.08
N GLY A 61 -12.06 21.18 -25.28
CA GLY A 61 -10.82 20.54 -25.69
C GLY A 61 -10.63 19.21 -25.00
N ARG A 62 -9.38 18.87 -24.71
CA ARG A 62 -9.01 17.64 -24.04
C ARG A 62 -8.45 17.96 -22.66
N ILE A 63 -9.00 17.33 -21.64
CA ILE A 63 -8.60 17.55 -20.26
C ILE A 63 -7.93 16.27 -19.78
N GLN A 64 -6.60 16.29 -19.71
CA GLN A 64 -5.83 15.16 -19.20
C GLN A 64 -5.31 15.51 -17.82
N MET A 65 -5.62 14.67 -16.83
CA MET A 65 -5.23 14.87 -15.46
C MET A 65 -4.28 13.76 -15.04
N ARG A 66 -3.13 14.14 -14.48
CA ARG A 66 -2.07 13.21 -14.15
C ARG A 66 -2.04 12.97 -12.65
N THR A 67 -2.07 11.70 -12.24
CA THR A 67 -1.92 11.37 -10.83
C THR A 67 -0.57 11.86 -10.34
N ARG A 68 -0.57 12.51 -9.17
CA ARG A 68 0.65 13.09 -8.65
C ARG A 68 0.89 12.88 -7.16
N ARG A 69 -0.06 12.33 -6.41
CA ARG A 69 0.21 11.95 -5.03
C ARG A 69 -0.67 10.76 -4.67
N THR A 70 -0.05 9.67 -4.23
CA THR A 70 -0.76 8.46 -3.84
C THR A 70 -0.63 8.29 -2.33
N LEU A 71 -1.76 8.30 -1.64
CA LEU A 71 -1.80 8.16 -0.19
C LEU A 71 -1.93 6.69 0.18
N ARG A 72 -0.91 6.17 0.83
CA ARG A 72 -0.83 4.75 1.18
C ARG A 72 -0.93 4.60 2.69
N GLY A 73 -1.46 3.45 3.13
CA GLY A 73 -1.55 3.18 4.55
C GLY A 73 -2.77 2.39 4.98
N HIS A 74 -3.82 2.36 4.16
CA HIS A 74 -4.93 1.47 4.45
C HIS A 74 -4.59 0.05 4.06
N LEU A 75 -5.27 -0.90 4.72
CA LEU A 75 -5.07 -2.32 4.47
C LEU A 75 -6.24 -2.98 3.76
N ALA A 76 -7.44 -2.41 3.86
CA ALA A 76 -8.62 -2.92 3.19
C ALA A 76 -9.18 -1.84 2.28
N LYS A 77 -10.31 -2.15 1.64
CA LYS A 77 -10.88 -1.25 0.65
C LYS A 77 -11.48 -0.01 1.32
N ILE A 78 -11.36 1.12 0.63
CA ILE A 78 -11.85 2.40 1.11
C ILE A 78 -13.28 2.60 0.62
N TYR A 79 -14.17 3.02 1.52
CA TYR A 79 -15.57 3.24 1.20
C TYR A 79 -15.88 4.69 0.87
N ALA A 80 -15.42 5.64 1.69
CA ALA A 80 -15.76 7.04 1.49
C ALA A 80 -14.63 7.93 1.98
N MET A 81 -14.65 9.17 1.49
CA MET A 81 -13.68 10.17 1.90
C MET A 81 -14.30 11.55 1.71
N HIS A 82 -13.72 12.56 2.37
CA HIS A 82 -14.26 13.90 2.30
C HIS A 82 -13.14 14.91 2.52
N TRP A 83 -13.27 16.06 1.88
CA TRP A 83 -12.30 17.14 1.98
C TRP A 83 -12.65 18.07 3.15
N GLY A 84 -11.83 19.10 3.33
CA GLY A 84 -12.10 20.14 4.29
C GLY A 84 -12.15 21.50 3.61
N THR A 85 -12.55 22.50 4.39
CA THR A 85 -12.67 23.85 3.85
C THR A 85 -11.31 24.40 3.42
N ASP A 86 -10.27 24.08 4.17
CA ASP A 86 -8.92 24.57 3.86
C ASP A 86 -8.33 23.91 2.63
N SER A 87 -8.98 22.89 2.06
CA SER A 87 -8.54 22.25 0.82
C SER A 87 -7.12 21.69 0.97
N ARG A 88 -6.79 21.23 2.17
CA ARG A 88 -5.50 20.60 2.42
C ARG A 88 -5.60 19.33 3.26
N LEU A 89 -6.68 19.11 3.99
CA LEU A 89 -6.84 17.94 4.84
C LEU A 89 -8.07 17.15 4.39
N LEU A 90 -7.95 15.82 4.41
CA LEU A 90 -9.04 14.95 4.03
C LEU A 90 -9.12 13.80 5.02
N VAL A 91 -10.30 13.17 5.07
CA VAL A 91 -10.59 12.06 5.97
C VAL A 91 -11.02 10.86 5.12
N SER A 92 -10.51 9.69 5.47
CA SER A 92 -10.79 8.46 4.74
C SER A 92 -11.25 7.38 5.71
N ALA A 93 -12.24 6.61 5.29
CA ALA A 93 -12.78 5.50 6.07
C ALA A 93 -12.59 4.20 5.29
N SER A 94 -12.17 3.16 5.99
CA SER A 94 -11.83 1.89 5.35
C SER A 94 -12.41 0.74 6.16
N GLN A 95 -12.51 -0.41 5.49
CA GLN A 95 -13.02 -1.62 6.13
C GLN A 95 -12.11 -2.11 7.25
N ASP A 96 -10.86 -1.65 7.28
CA ASP A 96 -9.90 -2.09 8.29
C ASP A 96 -10.16 -1.49 9.66
N GLY A 97 -11.25 -0.77 9.87
CA GLY A 97 -11.53 -0.21 11.17
C GLY A 97 -10.68 0.97 11.55
N LYS A 98 -10.28 1.79 10.57
CA LYS A 98 -9.49 2.98 10.83
C LYS A 98 -10.05 4.15 10.03
N LEU A 99 -9.89 5.34 10.59
CA LEU A 99 -10.33 6.59 9.98
C LEU A 99 -9.14 7.55 10.02
N ILE A 100 -8.43 7.65 8.90
CA ILE A 100 -7.15 8.34 8.84
C ILE A 100 -7.37 9.73 8.26
N ILE A 101 -6.76 10.73 8.89
CA ILE A 101 -6.78 12.10 8.39
C ILE A 101 -5.43 12.38 7.75
N TRP A 102 -5.44 12.68 6.46
CA TRP A 102 -4.23 12.89 5.67
C TRP A 102 -3.93 14.37 5.53
N ASP A 103 -2.71 14.65 5.09
CA ASP A 103 -2.27 15.98 4.67
C ASP A 103 -1.86 15.85 3.21
N SER A 104 -2.68 16.39 2.30
CA SER A 104 -2.49 16.14 0.89
C SER A 104 -1.14 16.67 0.40
N TYR A 105 -0.73 17.85 0.87
CA TYR A 105 0.48 18.46 0.34
C TYR A 105 1.72 17.62 0.62
N THR A 106 1.80 17.04 1.82
CA THR A 106 3.01 16.35 2.25
C THR A 106 2.81 14.85 2.46
N THR A 107 1.63 14.32 2.15
CA THR A 107 1.35 12.89 2.28
C THR A 107 1.72 12.37 3.67
N ASN A 108 1.34 13.12 4.71
CA ASN A 108 1.56 12.73 6.09
C ASN A 108 0.23 12.47 6.79
N LYS A 109 0.32 11.75 7.90
CA LYS A 109 -0.85 11.39 8.70
C LYS A 109 -0.85 12.22 9.98
N VAL A 110 -1.99 12.82 10.29
CA VAL A 110 -2.10 13.67 11.47
C VAL A 110 -2.84 12.92 12.57
N HIS A 111 -3.73 12.00 12.19
CA HIS A 111 -4.45 11.18 13.15
C HIS A 111 -4.79 9.84 12.52
N ALA A 112 -5.02 8.85 13.39
CA ALA A 112 -5.46 7.52 12.97
C ALA A 112 -6.41 7.02 14.06
N ILE A 113 -7.71 7.16 13.82
CA ILE A 113 -8.74 6.92 14.82
C ILE A 113 -9.24 5.48 14.67
N PRO A 114 -9.13 4.64 15.71
CA PRO A 114 -9.71 3.30 15.61
C PRO A 114 -11.22 3.32 15.83
N LEU A 115 -11.93 2.52 15.03
CA LEU A 115 -13.38 2.47 15.06
C LEU A 115 -13.86 1.25 15.82
N ARG A 116 -15.08 1.37 16.36
CA ARG A 116 -15.67 0.25 17.10
C ARG A 116 -16.03 -0.90 16.17
N SER A 117 -16.51 -0.59 14.96
CA SER A 117 -16.90 -1.60 13.99
C SER A 117 -16.19 -1.34 12.67
N SER A 118 -16.05 -2.41 11.89
CA SER A 118 -15.31 -2.36 10.63
C SER A 118 -16.22 -2.16 9.41
N TRP A 119 -17.53 -1.96 9.62
CA TRP A 119 -18.48 -1.82 8.52
C TRP A 119 -18.81 -0.35 8.24
N VAL A 120 -17.85 0.54 8.40
CA VAL A 120 -18.06 1.94 8.06
C VAL A 120 -18.30 2.07 6.57
N MET A 121 -19.32 2.83 6.18
CA MET A 121 -19.61 3.11 4.79
C MET A 121 -19.95 4.58 4.56
N THR A 122 -19.35 5.46 5.36
CA THR A 122 -19.53 6.90 5.19
C THR A 122 -18.60 7.63 6.16
N CYS A 123 -18.27 8.87 5.80
CA CYS A 123 -17.46 9.72 6.66
C CYS A 123 -17.68 11.16 6.23
N ALA A 124 -17.34 12.08 7.15
CA ALA A 124 -17.50 13.50 6.88
C ALA A 124 -16.45 14.27 7.67
N TYR A 125 -16.20 15.51 7.24
CA TYR A 125 -15.20 16.36 7.86
C TYR A 125 -15.84 17.73 8.05
N ALA A 126 -15.87 18.20 9.30
CA ALA A 126 -16.58 19.43 9.61
C ALA A 126 -15.92 20.61 8.89
N PRO A 127 -16.70 21.61 8.50
CA PRO A 127 -16.10 22.76 7.78
C PRO A 127 -15.06 23.50 8.59
N SER A 128 -15.21 23.56 9.91
CA SER A 128 -14.24 24.26 10.76
C SER A 128 -13.05 23.39 11.12
N GLY A 129 -13.08 22.10 10.82
CA GLY A 129 -11.98 21.22 11.13
C GLY A 129 -11.90 20.75 12.56
N ASN A 130 -12.97 20.95 13.35
CA ASN A 130 -12.97 20.54 14.74
C ASN A 130 -13.54 19.16 14.98
N TYR A 131 -14.32 18.63 14.04
CA TYR A 131 -14.99 17.35 14.22
C TYR A 131 -14.93 16.55 12.93
N VAL A 132 -15.09 15.24 13.08
CA VAL A 132 -15.27 14.32 11.96
C VAL A 132 -16.42 13.38 12.32
N ALA A 133 -16.97 12.72 11.30
CA ALA A 133 -18.12 11.85 11.48
C ALA A 133 -17.85 10.51 10.83
N CYS A 134 -18.56 9.49 11.34
CA CYS A 134 -18.44 8.14 10.82
C CYS A 134 -19.78 7.44 11.00
N GLY A 135 -20.09 6.53 10.08
CA GLY A 135 -21.34 5.81 10.13
C GLY A 135 -21.25 4.53 9.34
N GLY A 136 -22.17 3.62 9.63
CA GLY A 136 -22.17 2.35 8.95
C GLY A 136 -23.42 1.56 9.27
N LEU A 137 -23.36 0.26 8.99
CA LEU A 137 -24.48 -0.62 9.32
C LEU A 137 -24.61 -0.89 10.80
N ASP A 138 -23.78 -0.25 11.62
CA ASP A 138 -23.99 -0.25 13.06
C ASP A 138 -25.20 0.59 13.46
N ASN A 139 -25.75 1.37 12.54
CA ASN A 139 -26.95 2.17 12.78
C ASN A 139 -26.70 3.28 13.78
N ILE A 140 -25.45 3.72 13.92
CA ILE A 140 -25.07 4.74 14.89
C ILE A 140 -24.11 5.72 14.23
N CYS A 141 -24.35 7.01 14.43
CA CYS A 141 -23.50 8.06 13.89
C CYS A 141 -22.58 8.55 14.99
N SER A 142 -21.27 8.39 14.79
CA SER A 142 -20.27 8.76 15.79
C SER A 142 -19.57 10.03 15.36
N ILE A 143 -19.46 10.97 16.29
CA ILE A 143 -18.78 12.25 16.07
C ILE A 143 -17.55 12.28 16.95
N TYR A 144 -16.41 12.65 16.37
CA TYR A 144 -15.13 12.65 17.06
C TYR A 144 -14.62 14.08 17.22
N ASN A 145 -13.89 14.32 18.30
CA ASN A 145 -13.32 15.62 18.61
C ASN A 145 -11.82 15.58 18.33
N LEU A 146 -11.34 16.54 17.55
CA LEU A 146 -9.96 16.53 17.08
C LEU A 146 -9.06 17.48 17.86
N LYS A 147 -9.61 18.49 18.53
CA LYS A 147 -8.83 19.51 19.22
C LYS A 147 -9.06 19.45 20.71
N THR A 148 -9.09 18.25 21.28
CA THR A 148 -9.23 18.09 22.71
C THR A 148 -7.92 18.42 23.41
N ARG A 149 -8.03 18.97 24.62
CA ARG A 149 -6.85 19.28 25.41
C ARG A 149 -6.16 18.03 25.93
N GLU A 150 -6.86 16.90 25.97
CA GLU A 150 -6.24 15.65 26.42
C GLU A 150 -5.11 15.23 25.51
N GLY A 151 -5.18 15.58 24.22
CA GLY A 151 -4.17 15.23 23.26
C GLY A 151 -4.49 14.06 22.35
N ASN A 152 -5.63 13.39 22.58
CA ASN A 152 -6.02 12.24 21.78
C ASN A 152 -7.46 12.40 21.32
N VAL A 153 -7.76 11.85 20.15
CA VAL A 153 -9.11 11.94 19.60
C VAL A 153 -10.05 11.07 20.43
N ARG A 154 -11.16 11.65 20.87
CA ARG A 154 -12.13 10.96 21.69
C ARG A 154 -13.54 11.23 21.16
N VAL A 155 -14.40 10.22 21.27
CA VAL A 155 -15.77 10.36 20.81
C VAL A 155 -16.51 11.35 21.70
N SER A 156 -17.21 12.29 21.07
CA SER A 156 -17.99 13.29 21.80
C SER A 156 -19.42 12.82 22.01
N ARG A 157 -20.12 12.51 20.92
CA ARG A 157 -21.50 12.06 20.97
C ARG A 157 -21.70 10.88 20.04
N GLU A 158 -22.58 9.97 20.43
CA GLU A 158 -23.03 8.88 19.59
C GLU A 158 -24.53 8.96 19.46
N LEU A 159 -25.03 8.83 18.24
CA LEU A 159 -26.44 9.05 17.93
C LEU A 159 -27.04 7.75 17.42
N ALA A 160 -28.06 7.24 18.12
CA ALA A 160 -28.66 5.95 17.82
C ALA A 160 -30.16 6.07 17.66
N GLY A 161 -30.61 7.10 16.95
CA GLY A 161 -32.03 7.26 16.67
C GLY A 161 -32.54 6.57 15.43
N HIS A 162 -31.63 6.14 14.55
CA HIS A 162 -32.04 5.51 13.31
C HIS A 162 -32.35 4.03 13.53
N THR A 163 -32.98 3.42 12.53
CA THR A 163 -33.34 2.01 12.55
C THR A 163 -32.78 1.29 11.33
N GLY A 164 -31.60 1.68 10.87
CA GLY A 164 -31.00 1.07 9.70
C GLY A 164 -29.61 1.62 9.46
N TYR A 165 -28.96 1.07 8.44
CA TYR A 165 -27.60 1.46 8.13
C TYR A 165 -27.55 2.89 7.60
N LEU A 166 -26.56 3.65 8.07
CA LEU A 166 -26.35 5.02 7.61
C LEU A 166 -25.52 5.02 6.34
N SER A 167 -25.99 5.75 5.34
CA SER A 167 -25.33 5.83 4.04
C SER A 167 -24.48 7.08 3.87
N CYS A 168 -24.95 8.23 4.36
CA CYS A 168 -24.22 9.48 4.18
C CYS A 168 -24.49 10.39 5.37
N CYS A 169 -23.56 11.31 5.61
CA CYS A 169 -23.67 12.29 6.68
C CYS A 169 -22.87 13.52 6.28
N ARG A 170 -23.42 14.70 6.57
CA ARG A 170 -22.79 15.96 6.18
C ARG A 170 -23.02 17.00 7.26
N PHE A 171 -22.01 17.84 7.48
CA PHE A 171 -22.05 18.87 8.51
C PHE A 171 -22.58 20.18 7.95
N LEU A 172 -23.61 20.73 8.62
CA LEU A 172 -24.00 22.12 8.38
C LEU A 172 -23.11 23.07 9.17
N ASP A 173 -22.90 22.77 10.44
CA ASP A 173 -21.99 23.49 11.30
C ASP A 173 -21.61 22.59 12.47
N ASP A 174 -20.79 23.11 13.38
CA ASP A 174 -20.22 22.26 14.43
C ASP A 174 -21.28 21.69 15.36
N ASN A 175 -22.48 22.25 15.37
CA ASN A 175 -23.55 21.82 16.27
C ASN A 175 -24.71 21.14 15.55
N GLN A 176 -24.64 20.99 14.23
CA GLN A 176 -25.72 20.37 13.48
C GLN A 176 -25.14 19.41 12.44
N ILE A 177 -25.92 18.40 12.08
CA ILE A 177 -25.51 17.39 11.12
C ILE A 177 -26.75 16.71 10.57
N VAL A 178 -26.71 16.36 9.28
CA VAL A 178 -27.81 15.69 8.60
C VAL A 178 -27.32 14.33 8.11
N THR A 179 -28.07 13.29 8.42
CA THR A 179 -27.70 11.92 8.07
C THR A 179 -28.85 11.24 7.34
N SER A 180 -28.51 10.42 6.35
CA SER A 180 -29.46 9.62 5.61
C SER A 180 -29.24 8.15 5.94
N SER A 181 -30.33 7.40 6.07
CA SER A 181 -30.28 6.02 6.51
C SER A 181 -31.10 5.15 5.58
N GLY A 182 -30.98 3.84 5.76
CA GLY A 182 -31.71 2.87 4.98
C GLY A 182 -33.15 2.65 5.39
N ASP A 183 -33.58 3.28 6.48
CA ASP A 183 -34.97 3.21 6.92
C ASP A 183 -35.87 4.22 6.18
N THR A 184 -35.41 4.72 5.03
CA THR A 184 -36.21 5.61 4.19
C THR A 184 -36.52 6.93 4.88
N THR A 185 -35.60 7.42 5.71
CA THR A 185 -35.76 8.72 6.35
C THR A 185 -34.39 9.39 6.48
N CYS A 186 -34.42 10.71 6.60
CA CYS A 186 -33.24 11.52 6.88
C CYS A 186 -33.58 12.48 8.01
N ALA A 187 -32.71 12.58 9.00
CA ALA A 187 -32.99 13.34 10.21
C ALA A 187 -31.87 14.34 10.46
N LEU A 188 -32.24 15.46 11.08
CA LEU A 188 -31.30 16.50 11.47
C LEU A 188 -31.07 16.41 12.98
N TRP A 189 -29.80 16.42 13.39
CA TRP A 189 -29.41 16.19 14.77
C TRP A 189 -28.82 17.46 15.37
N ASP A 190 -29.24 17.78 16.58
CA ASP A 190 -28.60 18.81 17.39
C ASP A 190 -27.57 18.11 18.27
N ILE A 191 -26.29 18.28 17.93
CA ILE A 191 -25.24 17.45 18.52
C ILE A 191 -25.19 17.62 20.02
N GLU A 192 -25.41 18.84 20.51
CA GLU A 192 -25.30 19.10 21.94
C GLU A 192 -26.20 18.15 22.75
N THR A 193 -27.50 18.24 22.54
CA THR A 193 -28.45 17.42 23.30
C THR A 193 -28.61 16.01 22.75
N GLY A 194 -28.13 15.74 21.54
CA GLY A 194 -28.26 14.42 20.95
C GLY A 194 -29.64 14.04 20.50
N GLN A 195 -30.55 15.00 20.38
CA GLN A 195 -31.93 14.74 20.00
C GLN A 195 -32.18 15.12 18.55
N GLN A 196 -33.11 14.41 17.93
CA GLN A 196 -33.57 14.77 16.59
C GLN A 196 -34.46 16.00 16.66
N THR A 197 -34.20 16.98 15.79
CA THR A 197 -35.01 18.19 15.73
C THR A 197 -36.12 18.06 14.69
N THR A 198 -35.77 17.68 13.46
CA THR A 198 -36.73 17.51 12.39
C THR A 198 -36.46 16.19 11.68
N THR A 199 -37.53 15.57 11.20
CA THR A 199 -37.45 14.30 10.47
C THR A 199 -38.05 14.48 9.08
N PHE A 200 -37.44 13.82 8.10
CA PHE A 200 -37.86 13.90 6.71
C PHE A 200 -38.33 12.53 6.25
N THR A 201 -39.56 12.49 5.71
CA THR A 201 -40.16 11.24 5.26
C THR A 201 -40.81 11.45 3.91
N GLY A 202 -40.94 10.36 3.15
CA GLY A 202 -41.53 10.41 1.83
C GLY A 202 -40.88 9.47 0.85
N HIS A 203 -39.66 9.04 1.15
CA HIS A 203 -38.98 8.07 0.30
C HIS A 203 -39.63 6.70 0.42
N THR A 204 -39.61 5.96 -0.68
CA THR A 204 -40.15 4.60 -0.71
C THR A 204 -39.08 3.54 -0.52
N GLY A 205 -37.82 3.87 -0.81
CA GLY A 205 -36.74 2.90 -0.69
C GLY A 205 -35.55 3.43 0.08
N ASP A 206 -34.47 2.65 0.09
CA ASP A 206 -33.27 3.04 0.83
C ASP A 206 -32.71 4.35 0.27
N VAL A 207 -32.22 5.20 1.17
CA VAL A 207 -31.57 6.46 0.82
C VAL A 207 -30.07 6.23 0.83
N MET A 208 -29.40 6.70 -0.24
CA MET A 208 -27.97 6.46 -0.40
C MET A 208 -27.17 7.69 -0.80
N SER A 209 -27.81 8.80 -1.13
CA SER A 209 -27.12 10.00 -1.58
C SER A 209 -27.62 11.21 -0.82
N LEU A 210 -26.74 12.20 -0.66
CA LEU A 210 -27.07 13.43 0.04
C LEU A 210 -26.00 14.46 -0.22
N SER A 211 -26.42 15.69 -0.49
CA SER A 211 -25.49 16.78 -0.74
C SER A 211 -26.12 18.08 -0.31
N LEU A 212 -25.37 18.89 0.43
CA LEU A 212 -25.85 20.18 0.92
C LEU A 212 -25.58 21.28 -0.12
N ALA A 213 -26.45 22.28 -0.12
CA ALA A 213 -26.33 23.39 -1.06
C ALA A 213 -25.33 24.42 -0.54
N PRO A 214 -24.78 25.24 -1.44
CA PRO A 214 -23.89 26.33 -0.97
C PRO A 214 -24.57 27.22 0.05
N ASP A 215 -25.85 27.53 -0.14
CA ASP A 215 -26.68 28.12 0.89
C ASP A 215 -27.34 26.96 1.64
N THR A 216 -26.97 26.79 2.90
CA THR A 216 -27.33 25.59 3.64
C THR A 216 -28.83 25.45 3.88
N ARG A 217 -29.64 26.41 3.42
CA ARG A 217 -31.08 26.32 3.65
C ARG A 217 -31.73 25.12 2.98
N LEU A 218 -31.07 24.53 1.98
CA LEU A 218 -31.65 23.43 1.22
C LEU A 218 -30.64 22.31 1.04
N PHE A 219 -31.15 21.09 0.88
CA PHE A 219 -30.32 19.94 0.56
C PHE A 219 -31.16 18.92 -0.19
N VAL A 220 -30.49 18.04 -0.93
CA VAL A 220 -31.15 17.02 -1.73
C VAL A 220 -30.69 15.64 -1.26
N SER A 221 -31.39 14.62 -1.74
CA SER A 221 -31.07 13.24 -1.39
C SER A 221 -31.53 12.32 -2.51
N GLY A 222 -30.97 11.11 -2.52
CA GLY A 222 -31.29 10.13 -3.53
C GLY A 222 -31.68 8.81 -2.89
N ALA A 223 -32.46 8.04 -3.64
CA ALA A 223 -32.98 6.77 -3.16
C ALA A 223 -33.00 5.77 -4.29
N CYS A 224 -33.19 4.49 -3.94
CA CYS A 224 -33.25 3.43 -4.92
C CYS A 224 -34.60 3.35 -5.62
N ASP A 225 -35.57 4.15 -5.20
CA ASP A 225 -36.87 4.22 -5.86
C ASP A 225 -36.82 5.02 -7.16
N ALA A 226 -35.63 5.38 -7.64
CA ALA A 226 -35.48 6.14 -8.87
C ALA A 226 -36.12 7.52 -8.77
N SER A 227 -35.84 8.22 -7.67
CA SER A 227 -36.33 9.57 -7.49
C SER A 227 -35.44 10.29 -6.49
N ALA A 228 -35.14 11.56 -6.78
CA ALA A 228 -34.38 12.42 -5.89
C ALA A 228 -35.27 13.59 -5.47
N LYS A 229 -35.33 13.85 -4.18
CA LYS A 229 -36.24 14.84 -3.61
C LYS A 229 -35.46 16.00 -3.02
N LEU A 230 -36.06 17.19 -3.10
CA LEU A 230 -35.48 18.41 -2.56
C LEU A 230 -36.14 18.72 -1.22
N TRP A 231 -35.33 19.06 -0.23
CA TRP A 231 -35.79 19.27 1.13
C TRP A 231 -35.49 20.70 1.56
N ASP A 232 -36.18 21.14 2.61
CA ASP A 232 -35.87 22.38 3.31
C ASP A 232 -35.44 22.02 4.72
N VAL A 233 -34.30 22.59 5.14
CA VAL A 233 -33.66 22.11 6.36
C VAL A 233 -34.56 22.33 7.57
N ARG A 234 -35.18 23.50 7.67
CA ARG A 234 -35.89 23.88 8.88
C ARG A 234 -37.41 23.85 8.75
N GLU A 235 -37.96 23.92 7.53
CA GLU A 235 -39.40 23.89 7.37
C GLU A 235 -39.97 22.48 7.45
N GLY A 236 -39.14 21.46 7.34
CA GLY A 236 -39.64 20.09 7.49
C GLY A 236 -40.64 19.67 6.45
N MET A 237 -40.37 19.96 5.18
CA MET A 237 -41.24 19.52 4.09
C MET A 237 -40.44 19.47 2.80
N CYS A 238 -40.96 18.70 1.84
CA CYS A 238 -40.35 18.58 0.53
C CYS A 238 -40.88 19.65 -0.41
N ARG A 239 -39.98 20.30 -1.14
CA ARG A 239 -40.35 21.35 -2.07
C ARG A 239 -40.67 20.80 -3.46
N GLN A 240 -39.77 20.02 -4.03
CA GLN A 240 -39.94 19.48 -5.37
C GLN A 240 -39.52 18.01 -5.39
N THR A 241 -40.09 17.27 -6.34
CA THR A 241 -39.78 15.86 -6.52
C THR A 241 -39.37 15.62 -7.97
N PHE A 242 -38.34 14.80 -8.14
CA PHE A 242 -37.83 14.45 -9.45
C PHE A 242 -37.72 12.93 -9.56
N THR A 243 -37.96 12.40 -10.75
CA THR A 243 -37.88 10.96 -10.96
C THR A 243 -36.69 10.58 -11.83
N GLY A 244 -36.66 11.03 -13.09
CA GLY A 244 -35.48 10.96 -13.92
C GLY A 244 -35.07 9.59 -14.40
N HIS A 245 -34.56 8.74 -13.50
CA HIS A 245 -33.91 7.50 -13.87
C HIS A 245 -34.91 6.36 -13.96
N GLU A 246 -34.41 5.14 -14.08
CA GLU A 246 -35.21 3.92 -14.02
C GLU A 246 -34.54 2.87 -13.14
N SER A 247 -33.62 3.27 -12.27
CA SER A 247 -32.89 2.33 -11.42
C SER A 247 -32.42 3.08 -10.17
N ASP A 248 -31.53 2.45 -9.43
CA ASP A 248 -31.06 3.03 -8.16
C ASP A 248 -30.14 4.21 -8.40
N ILE A 249 -30.33 5.26 -7.61
CA ILE A 249 -29.45 6.43 -7.61
C ILE A 249 -28.44 6.24 -6.48
N ASN A 250 -27.15 6.34 -6.83
CA ASN A 250 -26.07 6.10 -5.87
C ASN A 250 -25.23 7.33 -5.57
N ALA A 251 -25.46 8.46 -6.25
CA ALA A 251 -24.66 9.65 -6.01
C ALA A 251 -25.50 10.88 -6.32
N ILE A 252 -25.09 12.00 -5.74
CA ILE A 252 -25.77 13.27 -5.95
C ILE A 252 -24.84 14.39 -5.51
N CYS A 253 -24.82 15.47 -6.29
CA CYS A 253 -23.96 16.60 -5.99
C CYS A 253 -24.57 17.87 -6.55
N PHE A 254 -24.40 18.97 -5.82
CA PHE A 254 -24.95 20.26 -6.24
C PHE A 254 -24.04 20.94 -7.24
N PHE A 255 -24.65 21.46 -8.31
CA PHE A 255 -23.95 22.38 -9.19
C PHE A 255 -23.57 23.64 -8.40
N PRO A 256 -22.36 24.18 -8.59
CA PRO A 256 -21.91 25.25 -7.68
C PRO A 256 -22.85 26.43 -7.55
N ASN A 257 -23.52 26.82 -8.64
CA ASN A 257 -24.39 27.99 -8.60
C ASN A 257 -25.46 27.86 -7.53
N GLY A 258 -25.91 26.64 -7.23
CA GLY A 258 -26.99 26.43 -6.31
C GLY A 258 -28.36 26.34 -6.94
N ASN A 259 -28.43 26.17 -8.26
CA ASN A 259 -29.70 26.07 -8.97
C ASN A 259 -29.80 24.80 -9.82
N ALA A 260 -28.91 23.84 -9.60
CA ALA A 260 -28.95 22.58 -10.34
C ALA A 260 -28.19 21.54 -9.54
N PHE A 261 -28.30 20.28 -9.97
CA PHE A 261 -27.62 19.19 -9.31
C PHE A 261 -27.63 17.97 -10.21
N ALA A 262 -26.53 17.22 -10.22
CA ALA A 262 -26.40 16.02 -11.04
C ALA A 262 -26.62 14.77 -10.19
N THR A 263 -27.00 13.69 -10.87
CA THR A 263 -27.29 12.42 -10.22
C THR A 263 -26.67 11.29 -11.01
N GLY A 264 -26.24 10.26 -10.29
CA GLY A 264 -25.73 9.05 -10.91
C GLY A 264 -26.57 7.86 -10.48
N SER A 265 -26.62 6.84 -11.33
CA SER A 265 -27.50 5.71 -11.09
C SER A 265 -26.89 4.45 -11.70
N ASP A 266 -27.62 3.34 -11.57
CA ASP A 266 -27.12 2.05 -12.01
C ASP A 266 -27.18 1.88 -13.53
N ASP A 267 -28.10 2.55 -14.20
CA ASP A 267 -28.27 2.35 -15.64
C ASP A 267 -27.21 3.04 -16.47
N ALA A 268 -26.11 3.48 -15.85
CA ALA A 268 -24.95 4.02 -16.56
C ALA A 268 -25.24 5.37 -17.20
N THR A 269 -26.02 6.22 -16.54
CA THR A 269 -26.32 7.54 -17.05
C THR A 269 -26.32 8.55 -15.92
N CYS A 270 -25.76 9.72 -16.18
CA CYS A 270 -25.83 10.86 -15.27
C CYS A 270 -26.81 11.88 -15.83
N ARG A 271 -27.59 12.48 -14.94
CA ARG A 271 -28.65 13.41 -15.34
C ARG A 271 -28.58 14.67 -14.50
N LEU A 272 -28.71 15.82 -15.17
CA LEU A 272 -28.63 17.13 -14.53
C LEU A 272 -30.02 17.75 -14.51
N PHE A 273 -30.43 18.23 -13.34
CA PHE A 273 -31.76 18.82 -13.14
C PHE A 273 -31.61 20.26 -12.70
N ASP A 274 -32.63 21.07 -13.00
CA ASP A 274 -32.67 22.47 -12.62
C ASP A 274 -33.81 22.70 -11.65
N LEU A 275 -33.52 23.36 -10.53
CA LEU A 275 -34.52 23.55 -9.48
C LEU A 275 -35.61 24.53 -9.92
N ARG A 276 -35.21 25.67 -10.50
CA ARG A 276 -36.18 26.70 -10.86
C ARG A 276 -37.09 26.26 -12.00
N ALA A 277 -36.76 25.17 -12.69
CA ALA A 277 -37.59 24.66 -13.77
C ALA A 277 -38.33 23.38 -13.43
N ASP A 278 -37.90 22.66 -12.40
CA ASP A 278 -38.54 21.41 -12.00
C ASP A 278 -38.59 20.43 -13.17
N GLN A 279 -37.51 20.37 -13.94
CA GLN A 279 -37.48 19.60 -15.16
C GLN A 279 -36.05 19.20 -15.47
N GLU A 280 -35.90 18.04 -16.11
CA GLU A 280 -34.60 17.58 -16.57
C GLU A 280 -34.17 18.37 -17.80
N LEU A 281 -32.86 18.56 -17.95
CA LEU A 281 -32.34 19.33 -19.07
C LEU A 281 -31.15 18.71 -19.79
N MET A 282 -30.56 17.63 -19.29
CA MET A 282 -29.43 17.02 -19.99
C MET A 282 -29.19 15.62 -19.44
N THR A 283 -28.70 14.75 -20.31
CA THR A 283 -28.34 13.38 -19.95
C THR A 283 -26.99 13.05 -20.56
N TYR A 284 -26.18 12.29 -19.81
CA TYR A 284 -24.84 11.92 -20.22
C TYR A 284 -24.74 10.40 -20.26
N SER A 285 -24.35 9.86 -21.41
CA SER A 285 -24.23 8.43 -21.59
C SER A 285 -23.63 8.16 -22.96
N HIS A 286 -22.97 7.01 -23.09
CA HIS A 286 -22.43 6.58 -24.37
C HIS A 286 -22.69 5.08 -24.52
N ASP A 287 -22.75 4.64 -25.77
CA ASP A 287 -23.16 3.27 -26.06
C ASP A 287 -22.21 2.23 -25.50
N ASN A 288 -20.97 2.61 -25.18
CA ASN A 288 -19.94 1.65 -24.78
C ASN A 288 -19.79 1.52 -23.27
N ILE A 289 -20.62 2.20 -22.48
CA ILE A 289 -20.59 2.09 -21.02
C ILE A 289 -21.91 1.48 -20.57
N ILE A 290 -21.83 0.44 -19.74
CA ILE A 290 -23.02 -0.24 -19.24
C ILE A 290 -23.02 -0.38 -17.73
N CYS A 291 -21.89 -0.23 -17.05
CA CYS A 291 -21.83 -0.41 -15.61
C CYS A 291 -22.43 0.81 -14.89
N GLY A 292 -22.60 0.67 -13.58
CA GLY A 292 -23.26 1.68 -12.79
C GLY A 292 -22.35 2.85 -12.43
N ILE A 293 -22.94 3.80 -11.70
CA ILE A 293 -22.26 5.03 -11.29
C ILE A 293 -22.23 5.05 -9.77
N THR A 294 -21.06 5.33 -9.21
CA THR A 294 -20.86 5.34 -7.77
C THR A 294 -20.75 6.75 -7.18
N SER A 295 -20.13 7.68 -7.90
CA SER A 295 -19.95 9.04 -7.41
C SER A 295 -20.09 10.03 -8.56
N VAL A 296 -20.44 11.26 -8.21
CA VAL A 296 -20.58 12.36 -9.16
C VAL A 296 -20.15 13.64 -8.46
N SER A 297 -19.50 14.53 -9.20
CA SER A 297 -19.02 15.79 -8.65
C SER A 297 -18.88 16.81 -9.77
N PHE A 298 -18.75 18.07 -9.38
CA PHE A 298 -18.57 19.18 -10.29
C PHE A 298 -17.24 19.88 -10.01
N SER A 299 -16.77 20.63 -11.01
CA SER A 299 -15.66 21.53 -10.80
C SER A 299 -16.17 22.84 -10.19
N LYS A 300 -15.23 23.69 -9.79
CA LYS A 300 -15.62 24.96 -9.17
C LYS A 300 -16.42 25.81 -10.14
N SER A 301 -16.02 25.86 -11.41
CA SER A 301 -16.75 26.64 -12.40
C SER A 301 -18.05 25.96 -12.81
N GLY A 302 -18.18 24.66 -12.61
CA GLY A 302 -19.36 23.94 -13.03
C GLY A 302 -19.36 23.50 -14.47
N ARG A 303 -18.25 23.66 -15.18
CA ARG A 303 -18.16 23.27 -16.58
C ARG A 303 -17.75 21.82 -16.76
N LEU A 304 -17.32 21.14 -15.71
CA LEU A 304 -16.90 19.75 -15.77
C LEU A 304 -17.69 18.93 -14.76
N LEU A 305 -17.96 17.68 -15.10
CA LEU A 305 -18.72 16.76 -14.26
C LEU A 305 -17.98 15.44 -14.21
N LEU A 306 -17.32 15.17 -13.10
CA LEU A 306 -16.53 13.96 -12.93
C LEU A 306 -17.39 12.88 -12.30
N ALA A 307 -17.49 11.74 -12.98
CA ALA A 307 -18.28 10.60 -12.51
C ALA A 307 -17.39 9.37 -12.45
N GLY A 308 -17.44 8.67 -11.31
CA GLY A 308 -16.65 7.47 -11.12
C GLY A 308 -17.49 6.23 -11.31
N TYR A 309 -17.13 5.44 -12.31
CA TYR A 309 -17.90 4.26 -12.69
C TYR A 309 -17.36 3.02 -11.97
N ASP A 310 -18.06 1.91 -12.15
CA ASP A 310 -17.72 0.66 -11.49
C ASP A 310 -16.55 -0.06 -12.16
N ASP A 311 -16.26 0.26 -13.42
CA ASP A 311 -15.28 -0.48 -14.21
C ASP A 311 -13.90 0.18 -14.11
N PHE A 312 -13.43 0.30 -12.87
CA PHE A 312 -12.09 0.80 -12.54
C PHE A 312 -11.63 1.97 -13.42
N ASN A 313 -12.53 2.90 -13.72
CA ASN A 313 -12.09 4.16 -14.32
C ASN A 313 -13.14 5.23 -14.06
N CYS A 314 -12.75 6.48 -14.27
CA CYS A 314 -13.61 7.63 -14.11
C CYS A 314 -13.55 8.47 -15.36
N ASN A 315 -14.69 9.03 -15.77
CA ASN A 315 -14.79 9.86 -16.96
C ASN A 315 -15.19 11.27 -16.56
N VAL A 316 -14.75 12.24 -17.36
CA VAL A 316 -15.07 13.65 -17.16
C VAL A 316 -15.92 14.12 -18.33
N TRP A 317 -17.05 14.73 -18.03
CA TRP A 317 -18.02 15.16 -19.03
C TRP A 317 -18.06 16.69 -19.09
N ASP A 318 -18.06 17.21 -20.30
CA ASP A 318 -18.37 18.62 -20.52
C ASP A 318 -19.81 18.84 -20.12
N ALA A 319 -20.04 19.53 -18.99
CA ALA A 319 -21.37 19.62 -18.41
C ALA A 319 -22.34 20.41 -19.25
N LEU A 320 -21.87 21.11 -20.28
CA LEU A 320 -22.73 21.97 -21.08
C LEU A 320 -23.03 21.44 -22.48
N LYS A 321 -22.24 20.49 -22.99
CA LYS A 321 -22.48 19.93 -24.31
C LYS A 321 -22.60 18.41 -24.32
N ALA A 322 -22.49 17.75 -23.17
CA ALA A 322 -22.65 16.31 -23.00
C ALA A 322 -21.51 15.50 -23.59
N ASP A 323 -20.53 16.13 -24.22
CA ASP A 323 -19.40 15.40 -24.79
C ASP A 323 -18.48 14.90 -23.69
N ARG A 324 -17.64 13.92 -24.04
CA ARG A 324 -16.66 13.38 -23.10
C ARG A 324 -15.31 14.01 -23.40
N ALA A 325 -14.75 14.70 -22.41
CA ALA A 325 -13.52 15.47 -22.60
C ALA A 325 -12.27 14.68 -22.27
N GLY A 326 -12.36 13.71 -21.37
CA GLY A 326 -11.19 12.95 -21.00
C GLY A 326 -11.56 11.83 -20.06
N VAL A 327 -10.55 11.03 -19.70
CA VAL A 327 -10.71 9.92 -18.79
C VAL A 327 -9.55 9.93 -17.80
N LEU A 328 -9.86 9.91 -16.51
CA LEU A 328 -8.83 9.76 -15.50
C LEU A 328 -8.24 8.36 -15.57
N ALA A 329 -6.92 8.27 -15.48
CA ALA A 329 -6.27 6.96 -15.53
C ALA A 329 -6.85 6.06 -14.45
N GLY A 330 -7.22 4.86 -14.83
CA GLY A 330 -8.01 4.02 -13.95
C GLY A 330 -7.22 3.56 -12.74
N HIS A 331 -7.98 3.21 -11.70
CA HIS A 331 -7.45 2.50 -10.55
C HIS A 331 -7.29 1.03 -10.92
N ASP A 332 -6.96 0.21 -9.92
CA ASP A 332 -6.90 -1.23 -10.08
C ASP A 332 -8.18 -1.92 -9.60
N ASN A 333 -9.19 -1.16 -9.19
CA ASN A 333 -10.46 -1.73 -8.74
C ASN A 333 -11.49 -0.62 -8.77
N ARG A 334 -12.66 -0.89 -8.16
CA ARG A 334 -13.75 0.07 -8.17
C ARG A 334 -13.35 1.35 -7.45
N VAL A 335 -13.89 2.48 -7.93
CA VAL A 335 -13.75 3.76 -7.26
C VAL A 335 -15.01 3.98 -6.42
N SER A 336 -14.84 4.09 -5.10
CA SER A 336 -15.97 4.16 -4.19
C SER A 336 -16.43 5.58 -3.92
N CYS A 337 -15.53 6.57 -3.96
CA CYS A 337 -15.92 7.95 -3.71
C CYS A 337 -15.04 8.87 -4.54
N LEU A 338 -15.55 10.07 -4.78
CA LEU A 338 -14.85 11.07 -5.59
C LEU A 338 -15.23 12.45 -5.08
N GLY A 339 -14.24 13.33 -4.97
CA GLY A 339 -14.47 14.65 -4.43
C GLY A 339 -13.55 15.68 -5.06
N VAL A 340 -13.95 16.94 -4.95
CA VAL A 340 -13.21 18.07 -5.50
C VAL A 340 -13.03 19.11 -4.40
N THR A 341 -11.84 19.70 -4.34
CA THR A 341 -11.55 20.68 -3.31
C THR A 341 -12.41 21.93 -3.51
N ASP A 342 -12.58 22.68 -2.41
CA ASP A 342 -13.41 23.88 -2.47
C ASP A 342 -12.82 24.93 -3.38
N ASP A 343 -11.51 24.95 -3.56
CA ASP A 343 -10.85 25.90 -4.44
C ASP A 343 -10.64 25.36 -5.85
N GLY A 344 -11.11 24.14 -6.14
CA GLY A 344 -10.98 23.58 -7.47
C GLY A 344 -9.57 23.20 -7.86
N MET A 345 -8.67 23.08 -6.89
CA MET A 345 -7.27 22.82 -7.22
C MET A 345 -7.03 21.36 -7.60
N ALA A 346 -7.73 20.42 -6.96
CA ALA A 346 -7.44 19.01 -7.14
C ALA A 346 -8.71 18.19 -6.98
N VAL A 347 -8.66 16.96 -7.50
CA VAL A 347 -9.75 16.00 -7.44
C VAL A 347 -9.19 14.71 -6.85
N ALA A 348 -9.71 14.31 -5.68
CA ALA A 348 -9.24 13.11 -5.00
C ALA A 348 -10.24 11.98 -5.20
N THR A 349 -9.72 10.79 -5.51
CA THR A 349 -10.53 9.62 -5.79
C THR A 349 -10.08 8.46 -4.91
N GLY A 350 -11.02 7.84 -4.21
CA GLY A 350 -10.75 6.66 -3.41
C GLY A 350 -11.25 5.42 -4.11
N SER A 351 -10.51 4.32 -3.93
CA SER A 351 -10.82 3.06 -4.60
C SER A 351 -10.62 1.92 -3.60
N TRP A 352 -10.89 0.70 -4.07
CA TRP A 352 -10.70 -0.50 -3.25
C TRP A 352 -9.28 -1.06 -3.34
N ASP A 353 -8.35 -0.34 -3.97
CA ASP A 353 -6.95 -0.73 -3.93
C ASP A 353 -6.33 -0.51 -2.56
N SER A 354 -7.03 0.15 -1.64
CA SER A 354 -6.47 0.66 -0.39
C SER A 354 -5.64 1.91 -0.62
N PHE A 355 -5.91 2.65 -1.69
CA PHE A 355 -5.16 3.85 -2.04
C PHE A 355 -6.10 4.99 -2.38
N LEU A 356 -5.61 6.21 -2.16
CA LEU A 356 -6.22 7.42 -2.69
C LEU A 356 -5.24 8.08 -3.65
N LYS A 357 -5.77 8.77 -4.64
CA LYS A 357 -4.95 9.44 -5.64
C LYS A 357 -5.48 10.84 -5.88
N ILE A 358 -4.56 11.81 -5.91
CA ILE A 358 -4.90 13.21 -6.14
C ILE A 358 -4.62 13.53 -7.61
N TRP A 359 -5.55 14.20 -8.25
CA TRP A 359 -5.48 14.49 -9.68
C TRP A 359 -5.49 15.99 -9.90
N ASN A 360 -4.79 16.42 -10.95
CA ASN A 360 -4.75 17.83 -11.31
C ASN A 360 -4.07 18.03 -12.66
N ILE B 9 -60.97 6.07 5.51
CA ILE B 9 -60.24 6.55 6.71
C ILE B 9 -59.54 7.87 6.38
N ALA B 10 -59.34 8.71 7.40
CA ALA B 10 -58.81 10.05 7.18
C ALA B 10 -57.35 10.03 6.71
N GLN B 11 -56.64 8.91 6.88
CA GLN B 11 -55.24 8.87 6.48
C GLN B 11 -55.08 9.11 4.98
N ALA B 12 -55.85 8.38 4.17
CA ALA B 12 -55.75 8.55 2.72
C ALA B 12 -56.21 9.94 2.29
N ARG B 13 -57.23 10.48 2.95
CA ARG B 13 -57.71 11.81 2.61
C ARG B 13 -56.64 12.86 2.87
N LYS B 14 -55.98 12.76 4.03
CA LYS B 14 -54.89 13.66 4.35
C LYS B 14 -53.74 13.50 3.36
N LEU B 15 -53.45 12.25 2.98
CA LEU B 15 -52.37 12.02 2.02
C LEU B 15 -52.66 12.67 0.68
N VAL B 16 -53.89 12.53 0.19
CA VAL B 16 -54.23 13.10 -1.12
C VAL B 16 -54.20 14.62 -1.06
N GLU B 17 -54.74 15.22 0.02
CA GLU B 17 -54.68 16.67 0.11
C GLU B 17 -53.26 17.16 0.40
N GLN B 18 -52.35 16.26 0.78
CA GLN B 18 -50.98 16.66 1.06
C GLN B 18 -50.09 16.61 -0.17
N LEU B 19 -50.37 15.68 -1.10
CA LEU B 19 -49.49 15.45 -2.24
C LEU B 19 -49.67 16.48 -3.35
N LYS B 20 -50.64 17.39 -3.23
CA LYS B 20 -50.88 18.42 -4.23
C LYS B 20 -50.20 19.75 -3.87
N MET B 21 -49.31 19.75 -2.87
CA MET B 21 -48.61 20.95 -2.47
C MET B 21 -47.48 21.32 -3.43
N GLU B 22 -47.03 20.37 -4.25
CA GLU B 22 -45.88 20.59 -5.12
C GLU B 22 -46.26 21.17 -6.48
N ALA B 23 -47.53 21.44 -6.73
CA ALA B 23 -48.00 21.96 -8.01
C ALA B 23 -48.20 23.47 -7.99
N ASN B 24 -47.78 24.15 -6.92
CA ASN B 24 -48.03 25.57 -6.77
C ASN B 24 -46.83 26.44 -7.09
N ILE B 25 -45.61 25.90 -7.07
CA ILE B 25 -44.43 26.72 -7.27
C ILE B 25 -44.47 27.34 -8.66
N ASP B 26 -43.73 28.43 -8.82
CA ASP B 26 -43.68 29.16 -10.09
C ASP B 26 -42.77 28.43 -11.07
N ARG B 27 -43.18 28.43 -12.34
CA ARG B 27 -42.44 27.76 -13.39
C ARG B 27 -41.36 28.68 -13.93
N ILE B 28 -40.65 28.22 -14.97
CA ILE B 28 -39.66 29.03 -15.66
C ILE B 28 -39.30 28.35 -16.97
N LYS B 29 -39.07 29.14 -18.02
CA LYS B 29 -38.67 28.58 -19.29
C LYS B 29 -37.30 27.94 -19.18
N VAL B 30 -37.13 26.79 -19.84
CA VAL B 30 -35.87 26.06 -19.77
C VAL B 30 -34.74 26.87 -20.40
N SER B 31 -35.05 27.63 -21.45
CA SER B 31 -34.01 28.41 -22.13
C SER B 31 -33.38 29.42 -21.17
N LYS B 32 -34.19 30.05 -20.32
CA LYS B 32 -33.65 30.99 -19.34
C LYS B 32 -32.68 30.31 -18.39
N ALA B 33 -33.05 29.12 -17.90
CA ALA B 33 -32.17 28.38 -16.99
C ALA B 33 -30.87 27.99 -17.69
N ALA B 34 -30.97 27.53 -18.94
CA ALA B 34 -29.76 27.16 -19.67
C ALA B 34 -28.87 28.37 -19.88
N ALA B 35 -29.46 29.52 -20.23
CA ALA B 35 -28.67 30.74 -20.42
C ALA B 35 -27.98 31.15 -19.12
N ASP B 36 -28.71 31.07 -18.00
CA ASP B 36 -28.10 31.43 -16.72
C ASP B 36 -26.95 30.50 -16.39
N LEU B 37 -27.12 29.20 -16.62
CA LEU B 37 -26.04 28.25 -16.36
C LEU B 37 -24.83 28.54 -17.23
N MET B 38 -25.06 28.81 -18.52
CA MET B 38 -23.94 29.11 -19.42
C MET B 38 -23.22 30.38 -18.98
N ALA B 39 -23.97 31.41 -18.61
CA ALA B 39 -23.36 32.65 -18.15
C ALA B 39 -22.52 32.43 -16.90
N TYR B 40 -23.05 31.66 -15.94
CA TYR B 40 -22.30 31.38 -14.73
C TYR B 40 -21.03 30.61 -15.05
N CYS B 41 -21.12 29.61 -15.94
CA CYS B 41 -19.95 28.81 -16.27
C CYS B 41 -18.88 29.65 -16.96
N GLU B 42 -19.28 30.54 -17.87
CA GLU B 42 -18.29 31.33 -18.60
C GLU B 42 -17.69 32.43 -17.72
N ALA B 43 -18.49 33.03 -16.84
CA ALA B 43 -17.99 34.10 -15.99
C ALA B 43 -16.90 33.60 -15.05
N HIS B 44 -17.06 32.40 -14.51
CA HIS B 44 -16.12 31.84 -13.54
C HIS B 44 -15.11 30.91 -14.19
N ALA B 45 -15.03 30.88 -15.52
CA ALA B 45 -14.12 29.97 -16.21
C ALA B 45 -12.66 30.32 -16.01
N LYS B 46 -12.35 31.50 -15.47
CA LYS B 46 -10.98 31.95 -15.29
C LYS B 46 -10.44 31.66 -13.90
N GLU B 47 -11.18 30.94 -13.06
CA GLU B 47 -10.79 30.70 -11.68
C GLU B 47 -10.18 29.31 -11.47
N ASP B 48 -10.91 28.25 -11.79
CA ASP B 48 -10.42 26.92 -11.46
C ASP B 48 -9.33 26.48 -12.44
N PRO B 49 -8.32 25.74 -11.98
CA PRO B 49 -7.29 25.24 -12.90
C PRO B 49 -7.66 23.96 -13.64
N LEU B 50 -8.76 23.30 -13.29
CA LEU B 50 -9.07 22.00 -13.88
C LEU B 50 -9.28 22.09 -15.39
N LEU B 51 -9.58 23.27 -15.93
CA LEU B 51 -9.67 23.44 -17.37
C LEU B 51 -8.78 24.54 -17.92
N THR B 52 -8.25 25.43 -17.08
CA THR B 52 -7.25 26.43 -17.48
C THR B 52 -6.10 26.32 -16.49
N PRO B 53 -5.26 25.30 -16.63
CA PRO B 53 -4.25 25.03 -15.59
C PRO B 53 -3.33 26.22 -15.38
N VAL B 54 -3.02 26.47 -14.11
CA VAL B 54 -2.13 27.56 -13.71
C VAL B 54 -0.69 27.12 -13.90
N PRO B 55 0.27 28.04 -13.98
CA PRO B 55 1.68 27.63 -14.12
C PRO B 55 2.11 26.70 -13.00
N ALA B 56 3.22 26.01 -13.23
CA ALA B 56 3.74 25.09 -12.23
C ALA B 56 4.14 25.80 -10.94
N SER B 57 4.39 27.10 -11.00
CA SER B 57 4.79 27.86 -9.81
C SER B 57 3.63 28.17 -8.88
N GLU B 58 2.39 27.98 -9.34
CA GLU B 58 1.21 28.23 -8.51
C GLU B 58 0.52 26.96 -8.03
N ASN B 59 0.81 25.82 -8.64
CA ASN B 59 0.19 24.57 -8.23
C ASN B 59 0.85 24.06 -6.95
N PRO B 60 0.12 23.89 -5.85
CA PRO B 60 0.75 23.39 -4.62
C PRO B 60 0.97 21.87 -4.62
N PHE B 61 0.40 21.14 -5.57
CA PHE B 61 0.57 19.70 -5.62
C PHE B 61 1.71 19.33 -6.56
N CYS C 30 63.66 -40.51 -45.34
CA CYS C 30 64.25 -41.12 -44.11
C CYS C 30 63.38 -42.26 -43.62
N ASN C 31 63.81 -42.89 -42.51
CA ASN C 31 63.15 -44.09 -42.01
C ASN C 31 61.95 -43.77 -41.15
N PHE C 32 60.91 -43.16 -41.73
CA PHE C 32 59.66 -42.93 -41.00
C PHE C 32 58.53 -42.66 -41.98
N SER C 33 57.30 -42.72 -41.45
CA SER C 33 56.08 -42.61 -42.23
C SER C 33 55.75 -41.15 -42.51
N LEU C 34 54.51 -40.90 -42.97
CA LEU C 34 54.14 -39.63 -43.56
C LEU C 34 53.01 -38.90 -42.83
N GLU C 35 52.34 -39.53 -41.87
CA GLU C 35 51.14 -38.93 -41.28
C GLU C 35 51.05 -39.28 -39.80
N VAL C 36 50.37 -38.40 -39.06
CA VAL C 36 50.14 -38.58 -37.62
C VAL C 36 48.89 -37.78 -37.24
N SER C 37 48.28 -38.16 -36.11
CA SER C 37 47.15 -37.44 -35.56
C SER C 37 47.63 -36.58 -34.39
N VAL C 38 47.47 -35.25 -34.52
CA VAL C 38 48.03 -34.32 -33.56
C VAL C 38 46.98 -33.35 -33.03
N CYS C 39 45.91 -33.13 -33.80
CA CYS C 39 44.83 -32.21 -33.40
C CYS C 39 45.38 -30.85 -32.98
N GLU C 40 46.06 -30.18 -33.91
CA GLU C 40 46.46 -28.80 -33.65
C GLU C 40 45.37 -27.81 -34.03
N MET C 41 44.34 -28.26 -34.75
CA MET C 41 43.20 -27.43 -35.10
C MET C 41 41.92 -28.16 -34.69
N THR C 42 40.91 -27.40 -34.28
CA THR C 42 39.66 -27.98 -33.81
C THR C 42 38.51 -27.05 -34.15
N THR C 43 37.30 -27.61 -34.13
CA THR C 43 36.10 -26.82 -34.37
C THR C 43 35.83 -25.94 -33.16
N VAL C 44 35.99 -24.62 -33.33
CA VAL C 44 35.91 -23.67 -32.24
C VAL C 44 34.70 -22.78 -32.44
N VAL C 45 34.24 -22.19 -31.34
CA VAL C 45 33.05 -21.34 -31.34
C VAL C 45 33.49 -19.91 -31.62
N PRO C 46 32.97 -19.25 -32.66
CA PRO C 46 33.42 -17.88 -32.95
C PRO C 46 32.95 -16.90 -31.89
N TYR C 47 33.78 -15.88 -31.67
CA TYR C 47 33.55 -14.96 -30.56
C TYR C 47 32.35 -14.07 -30.81
N THR C 48 32.27 -13.47 -32.01
CA THR C 48 31.23 -12.49 -32.29
C THR C 48 29.84 -13.11 -32.20
N TRP C 49 29.69 -14.34 -32.68
CA TRP C 49 28.41 -15.01 -32.61
C TRP C 49 28.00 -15.24 -31.15
N ASN C 50 28.96 -15.65 -30.31
CA ASN C 50 28.67 -15.84 -28.89
C ASN C 50 28.23 -14.53 -28.25
N VAL C 51 28.93 -13.44 -28.56
CA VAL C 51 28.54 -12.15 -28.00
C VAL C 51 27.17 -11.73 -28.51
N GLY C 52 26.82 -12.08 -29.75
CA GLY C 52 25.49 -11.76 -30.24
C GLY C 52 24.39 -12.51 -29.50
N ILE C 53 24.60 -13.80 -29.25
CA ILE C 53 23.64 -14.53 -28.41
C ILE C 53 23.55 -13.88 -27.04
N LEU C 54 24.70 -13.49 -26.47
CA LEU C 54 24.68 -12.85 -25.17
C LEU C 54 23.94 -11.52 -25.20
N SER C 55 23.99 -10.81 -26.34
CA SER C 55 23.27 -9.54 -26.43
C SER C 55 21.77 -9.77 -26.51
N LEU C 56 21.34 -10.80 -27.24
CA LEU C 56 19.94 -11.18 -27.21
C LEU C 56 19.50 -11.50 -25.78
N ILE C 57 20.34 -12.25 -25.04
CA ILE C 57 20.04 -12.53 -23.64
C ILE C 57 19.94 -11.24 -22.85
N PHE C 58 20.84 -10.30 -23.12
CA PHE C 58 20.79 -9.02 -22.42
C PHE C 58 19.47 -8.30 -22.67
N LEU C 59 18.99 -8.33 -23.91
CA LEU C 59 17.74 -7.66 -24.23
C LEU C 59 16.58 -8.30 -23.47
N ILE C 60 16.47 -9.63 -23.56
CA ILE C 60 15.37 -10.32 -22.89
C ILE C 60 15.50 -10.20 -21.37
N ASN C 61 16.70 -9.93 -20.87
CA ASN C 61 16.91 -9.72 -19.44
C ASN C 61 16.43 -8.34 -19.02
N VAL C 62 16.88 -7.30 -19.75
CA VAL C 62 16.55 -5.92 -19.37
C VAL C 62 15.06 -5.69 -19.46
N LEU C 63 14.43 -6.14 -20.54
CA LEU C 63 12.99 -5.90 -20.68
C LEU C 63 12.22 -6.58 -19.57
N GLY C 64 12.55 -7.84 -19.27
CA GLY C 64 11.82 -8.57 -18.24
C GLY C 64 11.97 -7.92 -16.88
N ASN C 65 13.19 -7.58 -16.48
CA ASN C 65 13.38 -6.97 -15.17
C ASN C 65 12.74 -5.59 -15.11
N GLY C 66 12.81 -4.83 -16.21
CA GLY C 66 12.14 -3.55 -16.22
C GLY C 66 10.65 -3.68 -15.96
N LEU C 67 10.01 -4.63 -16.64
CA LEU C 67 8.57 -4.82 -16.42
C LEU C 67 8.29 -5.24 -14.99
N VAL C 68 9.03 -6.24 -14.48
CA VAL C 68 8.70 -6.77 -13.16
C VAL C 68 8.93 -5.70 -12.09
N THR C 69 10.02 -4.96 -12.18
CA THR C 69 10.27 -3.91 -11.21
C THR C 69 9.25 -2.78 -11.33
N TYR C 70 8.75 -2.53 -12.54
CA TYR C 70 7.71 -1.51 -12.70
C TYR C 70 6.45 -1.91 -11.93
N ILE C 71 5.97 -3.14 -12.15
CA ILE C 71 4.79 -3.58 -11.41
C ILE C 71 5.06 -3.61 -9.92
N PHE C 72 6.27 -4.01 -9.52
CA PHE C 72 6.60 -3.98 -8.09
C PHE C 72 6.49 -2.57 -7.53
N CYS C 73 6.99 -1.59 -8.26
CA CYS C 73 6.92 -0.21 -7.79
C CYS C 73 5.48 0.25 -7.68
N LYS C 74 4.62 -0.15 -8.62
CA LYS C 74 3.23 0.27 -8.57
C LYS C 74 2.55 -0.16 -7.29
N HIS C 75 2.98 -1.25 -6.67
CA HIS C 75 2.32 -1.82 -5.49
C HIS C 75 3.33 -2.12 -4.39
N ARG C 76 4.20 -1.14 -4.10
CA ARG C 76 5.26 -1.34 -3.13
C ARG C 76 4.76 -1.40 -1.68
N SER C 77 3.49 -1.08 -1.45
CA SER C 77 2.97 -0.97 -0.09
C SER C 77 2.40 -2.29 0.45
N ARG C 78 2.38 -3.35 -0.34
CA ARG C 78 1.82 -4.63 0.09
C ARG C 78 2.65 -5.79 -0.45
N ALA C 79 3.97 -5.61 -0.53
CA ALA C 79 4.87 -6.61 -1.09
C ALA C 79 5.36 -7.54 0.02
N GLY C 80 5.08 -8.83 -0.15
CA GLY C 80 5.52 -9.83 0.80
C GLY C 80 6.94 -10.29 0.55
N ALA C 81 7.40 -11.21 1.40
CA ALA C 81 8.80 -11.63 1.37
C ALA C 81 9.20 -12.13 -0.01
N ILE C 82 8.32 -12.90 -0.67
CA ILE C 82 8.65 -13.44 -1.98
C ILE C 82 8.91 -12.30 -2.98
N ASP C 83 8.13 -11.23 -2.87
CA ASP C 83 8.31 -10.10 -3.79
C ASP C 83 9.67 -9.44 -3.60
N ILE C 84 10.09 -9.25 -2.34
CA ILE C 84 11.43 -8.71 -2.10
C ILE C 84 12.50 -9.65 -2.63
N LEU C 85 12.31 -10.96 -2.43
CA LEU C 85 13.29 -11.91 -2.94
C LEU C 85 13.42 -11.83 -4.45
N LEU C 86 12.29 -11.72 -5.15
CA LEU C 86 12.33 -11.59 -6.60
C LEU C 86 12.96 -10.26 -7.01
N LEU C 87 12.66 -9.18 -6.28
CA LEU C 87 13.27 -7.90 -6.57
C LEU C 87 14.78 -7.97 -6.44
N GLY C 88 15.28 -8.75 -5.48
CA GLY C 88 16.71 -8.96 -5.38
C GLY C 88 17.30 -9.52 -6.66
N ILE C 89 16.58 -10.44 -7.30
CA ILE C 89 17.02 -11.01 -8.56
C ILE C 89 17.02 -9.97 -9.67
N CYS C 90 16.23 -8.90 -9.53
CA CYS C 90 16.13 -7.91 -10.61
C CYS C 90 17.44 -7.17 -10.82
N LEU C 91 18.30 -7.09 -9.80
CA LEU C 91 19.58 -6.42 -9.98
C LEU C 91 20.53 -7.19 -10.88
N ASN C 92 20.13 -8.36 -11.39
CA ASN C 92 20.95 -9.06 -12.37
C ASN C 92 21.21 -8.20 -13.59
N SER C 93 20.31 -7.26 -13.90
CA SER C 93 20.50 -6.42 -15.07
C SER C 93 21.78 -5.59 -14.95
N LEU C 94 22.03 -5.02 -13.76
CA LEU C 94 23.21 -4.18 -13.58
C LEU C 94 24.48 -5.01 -13.69
N CYS C 95 24.51 -6.18 -13.04
CA CYS C 95 25.71 -7.01 -13.06
C CYS C 95 26.01 -7.51 -14.48
N LEU C 96 24.98 -7.99 -15.18
CA LEU C 96 25.16 -8.44 -16.55
C LEU C 96 25.58 -7.30 -17.46
N SER C 97 25.00 -6.11 -17.26
CA SER C 97 25.38 -4.98 -18.09
C SER C 97 26.84 -4.61 -17.88
N ILE C 98 27.28 -4.60 -16.62
CA ILE C 98 28.69 -4.26 -16.35
C ILE C 98 29.61 -5.32 -16.94
N SER C 99 29.26 -6.59 -16.78
CA SER C 99 30.09 -7.66 -17.35
C SER C 99 30.14 -7.56 -18.88
N LEU C 100 29.00 -7.25 -19.51
CA LEU C 100 28.97 -7.13 -20.96
C LEU C 100 29.80 -5.94 -21.43
N LEU C 101 29.77 -4.84 -20.67
CA LEU C 101 30.63 -3.72 -21.01
C LEU C 101 32.09 -4.10 -20.88
N ALA C 102 32.45 -4.81 -19.81
CA ALA C 102 33.83 -5.26 -19.65
C ALA C 102 34.23 -6.23 -20.76
N GLU C 103 33.27 -6.96 -21.32
CA GLU C 103 33.54 -7.87 -22.42
C GLU C 103 33.71 -7.12 -23.74
N VAL C 104 32.93 -6.06 -23.95
CA VAL C 104 32.89 -5.42 -25.27
C VAL C 104 33.89 -4.30 -25.41
N LEU C 105 34.22 -3.59 -24.32
CA LEU C 105 35.22 -2.53 -24.43
C LEU C 105 36.59 -3.09 -24.78
N MET C 106 36.88 -4.33 -24.40
CA MET C 106 38.14 -4.95 -24.81
C MET C 106 38.11 -5.28 -26.30
N PHE C 107 37.02 -5.84 -26.79
CA PHE C 107 36.93 -6.18 -28.21
C PHE C 107 37.03 -4.93 -29.07
N LEU C 108 36.31 -3.87 -28.69
CA LEU C 108 36.40 -2.62 -29.44
C LEU C 108 37.80 -2.00 -29.31
N PHE C 109 38.38 -2.08 -28.12
CA PHE C 109 39.68 -1.48 -27.81
C PHE C 109 40.63 -2.58 -27.38
N PRO C 110 41.41 -3.17 -28.31
CA PRO C 110 42.26 -4.29 -27.92
C PRO C 110 43.31 -3.92 -26.89
N ASN C 111 43.80 -2.68 -26.89
CA ASN C 111 44.89 -2.29 -26.02
C ASN C 111 44.45 -1.93 -24.61
N ILE C 112 43.15 -1.77 -24.38
CA ILE C 112 42.65 -1.39 -23.06
C ILE C 112 42.65 -2.56 -22.08
N ILE C 113 43.00 -3.76 -22.53
CA ILE C 113 42.95 -4.92 -21.65
C ILE C 113 43.84 -4.67 -20.44
N SER C 114 43.52 -5.36 -19.34
CA SER C 114 44.31 -5.30 -18.13
C SER C 114 44.17 -6.62 -17.39
N THR C 115 45.15 -6.91 -16.53
CA THR C 115 45.11 -8.13 -15.75
C THR C 115 44.07 -8.09 -14.62
N GLY C 116 43.47 -6.93 -14.37
CA GLY C 116 42.55 -6.79 -13.26
C GLY C 116 41.10 -6.61 -13.65
N LEU C 117 40.85 -6.09 -14.85
CA LEU C 117 39.47 -5.90 -15.27
C LEU C 117 38.79 -7.22 -15.56
N CYS C 118 39.56 -8.26 -15.91
CA CYS C 118 38.97 -9.57 -16.13
C CYS C 118 38.44 -10.16 -14.82
N ARG C 119 39.11 -9.90 -13.70
CA ARG C 119 38.52 -10.28 -12.41
C ARG C 119 37.18 -9.61 -12.20
N LEU C 120 37.08 -8.32 -12.53
CA LEU C 120 35.80 -7.63 -12.42
C LEU C 120 34.75 -8.33 -13.28
N GLU C 121 35.09 -8.61 -14.54
CA GLU C 121 34.12 -9.20 -15.45
C GLU C 121 33.65 -10.56 -14.95
N ILE C 122 34.58 -11.45 -14.62
CA ILE C 122 34.19 -12.79 -14.23
C ILE C 122 33.48 -12.79 -12.88
N PHE C 123 33.88 -11.90 -11.96
CA PHE C 123 33.17 -11.79 -10.69
C PHE C 123 31.73 -11.38 -10.91
N PHE C 124 31.51 -10.38 -11.77
CA PHE C 124 30.13 -10.00 -12.06
C PHE C 124 29.36 -11.12 -12.72
N TYR C 125 30.00 -11.86 -13.62
CA TYR C 125 29.29 -12.95 -14.30
C TYR C 125 28.87 -14.04 -13.31
N TYR C 126 29.78 -14.42 -12.40
CA TYR C 126 29.41 -15.44 -11.42
C TYR C 126 28.37 -14.93 -10.42
N LEU C 127 28.44 -13.66 -10.03
CA LEU C 127 27.37 -13.10 -9.23
C LEU C 127 26.03 -13.21 -9.96
N TYR C 128 26.04 -12.87 -11.25
CA TYR C 128 24.83 -12.96 -12.06
C TYR C 128 24.25 -14.37 -12.06
N VAL C 129 25.10 -15.38 -12.31
CA VAL C 129 24.57 -16.74 -12.41
C VAL C 129 24.15 -17.27 -11.05
N TYR C 130 24.94 -17.04 -10.00
CA TYR C 130 24.65 -17.66 -8.70
C TYR C 130 23.51 -16.99 -7.96
N LEU C 131 23.25 -15.70 -8.20
CA LEU C 131 22.30 -14.99 -7.36
C LEU C 131 20.90 -15.59 -7.45
N ASP C 132 20.59 -16.26 -8.56
CA ASP C 132 19.23 -16.77 -8.76
C ASP C 132 18.96 -18.00 -7.89
N ILE C 133 19.94 -18.90 -7.78
CA ILE C 133 19.69 -20.22 -7.20
C ILE C 133 19.32 -20.08 -5.72
N PHE C 134 20.11 -19.32 -4.96
CA PHE C 134 19.83 -19.18 -3.55
C PHE C 134 18.57 -18.37 -3.31
N SER C 135 18.27 -17.40 -4.17
CA SER C 135 17.03 -16.67 -4.05
C SER C 135 15.83 -17.58 -4.23
N VAL C 136 15.88 -18.49 -5.21
CA VAL C 136 14.75 -19.42 -5.38
C VAL C 136 14.70 -20.42 -4.23
N VAL C 137 15.85 -20.78 -3.67
CA VAL C 137 15.84 -21.65 -2.48
C VAL C 137 15.11 -20.97 -1.33
N CYS C 138 15.42 -19.68 -1.12
CA CYS C 138 14.71 -18.93 -0.08
C CYS C 138 13.23 -18.78 -0.42
N VAL C 139 12.89 -18.69 -1.70
CA VAL C 139 11.49 -18.64 -2.11
C VAL C 139 10.78 -19.91 -1.68
N SER C 140 11.39 -21.06 -1.94
CA SER C 140 10.80 -22.33 -1.52
C SER C 140 10.68 -22.40 -0.01
N LEU C 141 11.69 -21.93 0.71
CA LEU C 141 11.64 -21.94 2.16
C LEU C 141 10.50 -21.07 2.68
N VAL C 142 10.30 -19.90 2.09
CA VAL C 142 9.23 -19.01 2.51
C VAL C 142 7.87 -19.63 2.21
N ARG C 143 7.73 -20.29 1.07
CA ARG C 143 6.48 -20.98 0.75
C ARG C 143 6.18 -22.06 1.78
N TYR C 144 7.20 -22.84 2.13
CA TYR C 144 7.01 -23.87 3.16
C TYR C 144 6.61 -23.25 4.49
N LEU C 145 7.25 -22.14 4.87
CA LEU C 145 6.91 -21.51 6.15
C LEU C 145 5.48 -20.98 6.15
N LEU C 146 5.05 -20.37 5.06
CA LEU C 146 3.70 -19.81 5.03
C LEU C 146 2.64 -20.85 4.75
N VAL C 147 3.02 -22.09 4.43
CA VAL C 147 2.05 -23.18 4.39
C VAL C 147 1.96 -23.92 5.72
N ALA C 148 3.10 -24.30 6.28
CA ALA C 148 3.10 -25.09 7.51
C ALA C 148 2.79 -24.24 8.74
N TYR C 149 3.25 -22.99 8.76
CA TYR C 149 3.06 -22.10 9.90
C TYR C 149 2.15 -20.94 9.52
N SER C 150 1.02 -21.26 8.88
CA SER C 150 0.14 -20.23 8.36
C SER C 150 -0.42 -19.34 9.47
N THR C 151 -0.84 -19.93 10.59
CA THR C 151 -1.56 -19.18 11.61
C THR C 151 -0.72 -18.06 12.21
N ARG C 152 0.60 -18.11 12.07
CA ARG C 152 1.48 -17.08 12.59
C ARG C 152 1.44 -15.87 11.66
N SER C 153 2.30 -14.88 11.93
CA SER C 153 2.32 -13.65 11.15
C SER C 153 3.71 -13.18 10.75
N TRP C 154 4.80 -13.77 11.24
CA TRP C 154 6.12 -13.31 10.83
C TRP C 154 6.47 -13.68 9.39
N PRO C 155 6.06 -14.84 8.86
CA PRO C 155 6.50 -15.17 7.50
C PRO C 155 5.98 -14.21 6.45
N LYS C 156 4.95 -13.43 6.75
CA LYS C 156 4.40 -12.45 5.82
C LYS C 156 4.99 -11.06 6.00
N LYS C 157 5.96 -10.89 6.90
CA LYS C 157 6.63 -9.61 7.07
C LYS C 157 7.60 -9.37 5.92
N GLN C 158 8.03 -8.10 5.81
CA GLN C 158 9.09 -7.75 4.88
C GLN C 158 10.48 -7.92 5.49
N SER C 159 10.56 -7.95 6.82
CA SER C 159 11.86 -8.12 7.47
C SER C 159 12.46 -9.48 7.14
N LEU C 160 11.64 -10.53 7.15
CA LEU C 160 12.13 -11.85 6.78
C LEU C 160 12.62 -11.87 5.34
N GLY C 161 11.88 -11.21 4.44
CA GLY C 161 12.31 -11.13 3.06
C GLY C 161 13.65 -10.42 2.91
N TRP C 162 13.81 -9.30 3.60
CA TRP C 162 15.07 -8.57 3.51
C TRP C 162 16.22 -9.39 4.07
N VAL C 163 16.00 -10.08 5.20
CA VAL C 163 17.04 -10.91 5.78
C VAL C 163 17.44 -12.03 4.83
N LEU C 164 16.44 -12.70 4.23
CA LEU C 164 16.75 -13.79 3.31
C LEU C 164 17.46 -13.29 2.07
N THR C 165 17.05 -12.13 1.54
CA THR C 165 17.76 -11.55 0.41
C THR C 165 19.20 -11.21 0.78
N SER C 166 19.42 -10.67 1.97
CA SER C 166 20.77 -10.37 2.41
C SER C 166 21.61 -11.64 2.49
N ALA C 167 21.03 -12.71 3.02
CA ALA C 167 21.75 -13.97 3.11
C ALA C 167 22.10 -14.49 1.72
N ALA C 168 21.15 -14.44 0.79
CA ALA C 168 21.41 -14.90 -0.57
C ALA C 168 22.50 -14.06 -1.22
N TRP C 169 22.45 -12.75 -1.04
CA TRP C 169 23.49 -11.89 -1.62
C TRP C 169 24.86 -12.19 -1.02
N LEU C 170 24.93 -12.38 0.29
CA LEU C 170 26.22 -12.70 0.90
C LEU C 170 26.77 -14.01 0.38
N ILE C 171 25.91 -15.03 0.27
CA ILE C 171 26.37 -16.32 -0.26
C ILE C 171 26.86 -16.16 -1.70
N ALA C 172 26.10 -15.42 -2.52
CA ALA C 172 26.49 -15.23 -3.90
C ALA C 172 27.81 -14.50 -4.02
N LEU C 173 28.00 -13.44 -3.22
CA LEU C 173 29.27 -12.71 -3.25
C LEU C 173 30.42 -13.58 -2.80
N VAL C 174 30.23 -14.40 -1.77
CA VAL C 174 31.30 -15.29 -1.32
C VAL C 174 31.68 -16.25 -2.45
N LEU C 175 30.67 -16.85 -3.09
CA LEU C 175 30.95 -17.79 -4.17
C LEU C 175 31.65 -17.10 -5.33
N SER C 176 31.20 -15.90 -5.69
CA SER C 176 31.81 -15.18 -6.81
C SER C 176 33.24 -14.80 -6.49
N GLY C 177 33.51 -14.36 -5.26
CA GLY C 177 34.86 -14.05 -4.87
C GLY C 177 35.77 -15.27 -4.91
N ASP C 178 35.27 -16.40 -4.45
CA ASP C 178 36.07 -17.61 -4.53
C ASP C 178 36.40 -17.98 -5.97
N ALA C 179 35.52 -17.64 -6.90
CA ALA C 179 35.73 -18.03 -8.30
C ALA C 179 36.77 -17.16 -8.99
N CYS C 180 36.81 -15.87 -8.69
CA CYS C 180 37.68 -14.93 -9.40
C CYS C 180 39.02 -14.74 -8.71
N ARG C 181 39.49 -15.73 -7.95
CA ARG C 181 40.74 -15.56 -7.20
C ARG C 181 41.95 -15.51 -8.11
N HIS C 182 41.93 -16.22 -9.24
CA HIS C 182 43.08 -16.33 -10.13
C HIS C 182 42.69 -16.06 -11.58
N ARG C 183 41.94 -14.98 -11.81
CA ARG C 183 41.57 -14.57 -13.16
C ARG C 183 42.48 -13.45 -13.59
N SER C 184 43.19 -13.65 -14.70
CA SER C 184 44.17 -12.68 -15.18
C SER C 184 44.38 -12.88 -16.67
N ARG C 185 45.27 -12.06 -17.23
CA ARG C 185 45.59 -12.13 -18.64
C ARG C 185 46.60 -13.25 -18.91
N VAL C 186 46.52 -13.83 -20.10
CA VAL C 186 47.38 -14.94 -20.49
C VAL C 186 47.96 -14.69 -21.88
N VAL C 187 49.05 -15.40 -22.17
CA VAL C 187 49.77 -15.23 -23.42
C VAL C 187 49.53 -16.48 -24.25
N ASP C 188 48.53 -16.43 -25.10
CA ASP C 188 48.31 -17.48 -26.07
C ASP C 188 49.38 -17.40 -27.16
N PRO C 189 49.55 -18.46 -27.96
CA PRO C 189 50.53 -18.41 -29.05
C PRO C 189 50.52 -17.10 -29.80
N VAL C 190 51.70 -16.60 -30.15
CA VAL C 190 51.87 -15.28 -30.76
C VAL C 190 50.95 -15.16 -31.97
N SER C 191 50.56 -13.93 -32.29
CA SER C 191 49.63 -13.56 -33.35
C SER C 191 48.18 -13.82 -32.95
N LYS C 192 47.92 -14.42 -31.78
CA LYS C 192 46.56 -14.57 -31.28
C LYS C 192 46.52 -14.44 -29.76
N GLN C 193 47.43 -13.65 -29.20
CA GLN C 193 47.55 -13.48 -27.75
C GLN C 193 46.56 -12.42 -27.28
N ALA C 194 46.74 -11.97 -26.04
CA ALA C 194 45.88 -10.95 -25.42
C ALA C 194 44.45 -11.46 -25.26
N MET C 195 44.32 -12.52 -24.48
CA MET C 195 43.03 -13.06 -24.10
C MET C 195 43.09 -13.48 -22.63
N CYS C 196 41.94 -13.51 -21.97
CA CYS C 196 41.90 -13.74 -20.53
C CYS C 196 41.69 -15.22 -20.24
N TYR C 197 42.46 -15.72 -19.28
CA TYR C 197 42.34 -17.11 -18.84
C TYR C 197 42.97 -17.23 -17.46
N GLU C 198 42.61 -18.31 -16.76
CA GLU C 198 43.10 -18.52 -15.41
C GLU C 198 44.62 -18.53 -15.39
N ASN C 199 45.19 -17.91 -14.37
CA ASN C 199 46.64 -17.87 -14.18
C ASN C 199 46.98 -18.16 -12.72
N ALA C 200 46.44 -19.26 -12.21
CA ALA C 200 46.79 -19.71 -10.86
C ALA C 200 48.25 -20.14 -10.76
N GLY C 201 48.85 -20.61 -11.85
CA GLY C 201 50.28 -20.88 -11.88
C GLY C 201 50.65 -22.33 -11.73
N ASN C 202 51.45 -22.64 -10.72
CA ASN C 202 52.04 -23.98 -10.60
C ASN C 202 50.97 -25.05 -10.47
N MET C 203 49.94 -24.80 -9.67
CA MET C 203 48.90 -25.78 -9.37
C MET C 203 47.59 -25.44 -10.07
N THR C 204 47.69 -24.87 -11.27
CA THR C 204 46.51 -24.32 -11.94
C THR C 204 45.46 -25.39 -12.21
N ALA C 205 45.88 -26.58 -12.64
CA ALA C 205 44.92 -27.62 -12.96
C ALA C 205 44.09 -28.01 -11.74
N ASP C 206 44.75 -28.14 -10.58
CA ASP C 206 44.02 -28.46 -9.36
C ASP C 206 43.03 -27.35 -9.01
N TRP C 207 43.41 -26.10 -9.23
CA TRP C 207 42.50 -24.99 -8.96
C TRP C 207 41.31 -25.02 -9.91
N ARG C 208 41.55 -25.34 -11.18
CA ARG C 208 40.45 -25.39 -12.13
C ARG C 208 39.51 -26.53 -11.84
N LEU C 209 40.03 -27.63 -11.27
CA LEU C 209 39.14 -28.68 -10.77
C LEU C 209 38.38 -28.23 -9.54
N HIS C 210 39.05 -27.53 -8.62
CA HIS C 210 38.43 -27.10 -7.38
C HIS C 210 37.30 -26.12 -7.64
N VAL C 211 37.49 -25.17 -8.53
CA VAL C 211 36.44 -24.19 -8.80
C VAL C 211 35.21 -24.88 -9.33
N ARG C 212 35.39 -25.86 -10.22
CA ARG C 212 34.26 -26.58 -10.78
C ARG C 212 33.56 -27.43 -9.74
N THR C 213 34.33 -28.10 -8.87
CA THR C 213 33.71 -28.90 -7.82
C THR C 213 32.89 -28.03 -6.87
N VAL C 214 33.48 -26.90 -6.45
CA VAL C 214 32.74 -25.98 -5.58
C VAL C 214 31.49 -25.48 -6.29
N SER C 215 31.63 -25.10 -7.56
CA SER C 215 30.48 -24.56 -8.29
C SER C 215 29.35 -25.56 -8.36
N VAL C 216 29.66 -26.81 -8.74
CA VAL C 216 28.60 -27.80 -8.87
C VAL C 216 27.96 -28.07 -7.52
N THR C 217 28.79 -28.36 -6.50
CA THR C 217 28.24 -28.77 -5.21
C THR C 217 27.53 -27.64 -4.48
N ALA C 218 27.87 -26.39 -4.77
CA ALA C 218 27.28 -25.26 -4.07
C ALA C 218 26.28 -24.47 -4.91
N GLY C 219 26.08 -24.83 -6.17
CA GLY C 219 25.12 -24.15 -6.99
C GLY C 219 24.02 -25.05 -7.51
N PHE C 220 24.30 -26.34 -7.70
CA PHE C 220 23.30 -27.23 -8.27
C PHE C 220 22.88 -28.33 -7.30
N LEU C 221 23.83 -29.06 -6.72
CA LEU C 221 23.47 -30.24 -5.92
C LEU C 221 22.74 -29.83 -4.64
N LEU C 222 23.43 -29.08 -3.78
CA LEU C 222 22.84 -28.72 -2.49
C LEU C 222 21.59 -27.86 -2.65
N PRO C 223 21.56 -26.83 -3.49
CA PRO C 223 20.29 -26.12 -3.71
C PRO C 223 19.18 -27.04 -4.19
N LEU C 224 19.50 -28.01 -5.04
CA LEU C 224 18.47 -28.94 -5.51
C LEU C 224 17.93 -29.77 -4.36
N ALA C 225 18.82 -30.27 -3.49
CA ALA C 225 18.37 -31.05 -2.34
C ALA C 225 17.48 -30.22 -1.43
N LEU C 226 17.89 -28.99 -1.11
CA LEU C 226 17.09 -28.14 -0.25
C LEU C 226 15.74 -27.84 -0.88
N LEU C 227 15.73 -27.49 -2.16
CA LEU C 227 14.49 -27.15 -2.84
C LEU C 227 13.55 -28.35 -2.87
N ILE C 228 14.07 -29.54 -3.17
CA ILE C 228 13.24 -30.73 -3.20
C ILE C 228 12.65 -31.00 -1.82
N LEU C 229 13.46 -30.87 -0.76
CA LEU C 229 12.94 -31.12 0.58
C LEU C 229 11.83 -30.14 0.94
N PHE C 230 12.05 -28.85 0.65
CA PHE C 230 11.07 -27.85 1.02
C PHE C 230 9.76 -28.05 0.27
N TYR C 231 9.84 -28.30 -1.04
CA TYR C 231 8.60 -28.55 -1.78
C TYR C 231 7.97 -29.86 -1.39
N ALA C 232 8.76 -30.85 -0.96
CA ALA C 232 8.17 -32.10 -0.47
C ALA C 232 7.35 -31.85 0.79
N LEU C 233 7.89 -31.07 1.73
CA LEU C 233 7.11 -30.74 2.92
C LEU C 233 5.87 -29.93 2.57
N THR C 234 6.01 -28.96 1.65
CA THR C 234 4.85 -28.17 1.24
C THR C 234 3.78 -29.07 0.65
N TRP C 235 4.16 -30.01 -0.22
CA TRP C 235 3.17 -30.89 -0.83
C TRP C 235 2.56 -31.83 0.18
N CYS C 236 3.34 -32.30 1.15
CA CYS C 236 2.78 -33.14 2.19
C CYS C 236 1.72 -32.39 2.98
N VAL C 237 1.97 -31.12 3.30
CA VAL C 237 0.97 -30.32 4.00
C VAL C 237 -0.26 -30.11 3.12
N VAL C 238 -0.05 -29.77 1.84
CA VAL C 238 -1.18 -29.42 0.98
C VAL C 238 -2.03 -30.64 0.63
N ARG C 239 -1.42 -31.83 0.58
CA ARG C 239 -2.15 -33.00 0.14
C ARG C 239 -3.36 -33.26 1.02
N ARG C 240 -3.19 -33.18 2.34
CA ARG C 240 -4.32 -33.33 3.25
C ARG C 240 -5.37 -32.25 2.99
N THR C 241 -4.91 -31.01 2.80
CA THR C 241 -5.81 -29.89 2.56
C THR C 241 -6.56 -30.07 1.24
N LYS C 242 -7.85 -30.39 1.33
CA LYS C 242 -8.67 -30.59 0.13
C LYS C 242 -8.99 -29.26 -0.51
N LEU C 243 -8.50 -29.06 -1.72
CA LEU C 243 -8.75 -27.82 -2.47
C LEU C 243 -8.65 -28.13 -3.95
N GLN C 244 -9.25 -27.25 -4.75
CA GLN C 244 -9.02 -27.32 -6.20
C GLN C 244 -7.64 -26.80 -6.57
N ALA C 245 -6.93 -26.17 -5.63
CA ALA C 245 -5.59 -25.68 -5.89
C ALA C 245 -4.53 -26.76 -5.78
N ARG C 246 -4.92 -28.01 -5.52
CA ARG C 246 -3.95 -29.11 -5.51
C ARG C 246 -3.25 -29.22 -6.86
N ARG C 247 -4.01 -29.15 -7.95
CA ARG C 247 -3.38 -29.21 -9.27
C ARG C 247 -2.44 -28.04 -9.49
N LYS C 248 -2.85 -26.83 -9.09
CA LYS C 248 -2.02 -25.66 -9.33
C LYS C 248 -0.68 -25.77 -8.61
N VAL C 249 -0.70 -26.19 -7.34
CA VAL C 249 0.53 -26.27 -6.56
C VAL C 249 1.46 -27.31 -7.17
N ARG C 250 0.93 -28.50 -7.47
CA ARG C 250 1.77 -29.55 -8.06
C ARG C 250 2.35 -29.10 -9.38
N GLY C 251 1.52 -28.49 -10.23
CA GLY C 251 2.00 -28.05 -11.53
C GLY C 251 3.11 -27.02 -11.42
N VAL C 252 2.90 -26.00 -10.59
CA VAL C 252 3.90 -24.96 -10.44
C VAL C 252 5.19 -25.53 -9.86
N ILE C 253 5.07 -26.39 -8.84
CA ILE C 253 6.25 -26.94 -8.20
C ILE C 253 7.07 -27.77 -9.19
N VAL C 254 6.39 -28.68 -9.90
CA VAL C 254 7.10 -29.51 -10.87
C VAL C 254 7.70 -28.64 -11.96
N ALA C 255 6.95 -27.65 -12.44
CA ALA C 255 7.46 -26.77 -13.48
C ALA C 255 8.76 -26.10 -13.04
N VAL C 256 8.75 -25.45 -11.88
CA VAL C 256 9.94 -24.71 -11.47
C VAL C 256 11.12 -25.65 -11.23
N VAL C 257 10.89 -26.77 -10.53
CA VAL C 257 12.00 -27.65 -10.20
C VAL C 257 12.59 -28.26 -11.47
N VAL C 258 11.74 -28.77 -12.36
CA VAL C 258 12.24 -29.41 -13.58
C VAL C 258 12.88 -28.39 -14.49
N LEU C 259 12.35 -27.17 -14.54
CA LEU C 259 12.96 -26.12 -15.36
C LEU C 259 14.36 -25.81 -14.86
N PHE C 260 14.51 -25.65 -13.54
CA PHE C 260 15.83 -25.39 -12.97
C PHE C 260 16.79 -26.51 -13.30
N PHE C 261 16.35 -27.76 -13.10
CA PHE C 261 17.21 -28.89 -13.40
C PHE C 261 17.60 -28.94 -14.88
N VAL C 262 16.63 -28.73 -15.77
CA VAL C 262 16.88 -28.85 -17.19
C VAL C 262 17.87 -27.79 -17.65
N PHE C 263 17.69 -26.55 -17.19
CA PHE C 263 18.53 -25.45 -17.68
C PHE C 263 19.87 -25.34 -16.94
N CYS C 264 20.05 -26.01 -15.80
CA CYS C 264 21.33 -25.95 -15.11
C CYS C 264 22.17 -27.21 -15.25
N PHE C 265 21.56 -28.39 -15.32
CA PHE C 265 22.34 -29.62 -15.34
C PHE C 265 23.28 -29.73 -16.53
N PRO C 266 22.88 -29.40 -17.76
CA PRO C 266 23.79 -29.60 -18.91
C PRO C 266 25.19 -29.04 -18.70
N TYR C 267 25.29 -27.81 -18.18
CA TYR C 267 26.58 -27.16 -18.04
C TYR C 267 27.48 -27.93 -17.09
N HIS C 268 26.95 -28.36 -15.95
CA HIS C 268 27.76 -29.07 -14.98
C HIS C 268 28.17 -30.45 -15.49
N VAL C 269 27.26 -31.15 -16.17
CA VAL C 269 27.62 -32.46 -16.68
C VAL C 269 28.71 -32.34 -17.75
N LEU C 270 28.66 -31.29 -18.56
CA LEU C 270 29.70 -31.14 -19.57
C LEU C 270 31.01 -30.67 -18.96
N ASN C 271 30.95 -29.87 -17.91
CA ASN C 271 32.17 -29.59 -17.14
C ASN C 271 32.76 -30.87 -16.60
N LEU C 272 31.91 -31.79 -16.13
CA LEU C 272 32.38 -33.08 -15.66
C LEU C 272 33.07 -33.84 -16.79
N LEU C 273 32.47 -33.85 -17.98
CA LEU C 273 33.10 -34.52 -19.11
C LEU C 273 34.46 -33.92 -19.44
N ASP C 274 34.57 -32.59 -19.40
CA ASP C 274 35.85 -31.94 -19.69
C ASP C 274 36.89 -32.26 -18.61
N THR C 275 36.48 -32.26 -17.35
CA THR C 275 37.40 -32.63 -16.27
C THR C 275 37.85 -34.06 -16.43
N LEU C 276 36.99 -34.94 -16.95
CA LEU C 276 37.44 -36.29 -17.29
C LEU C 276 38.44 -36.24 -18.44
N LEU C 277 38.20 -35.38 -19.41
CA LEU C 277 39.08 -35.33 -20.59
C LEU C 277 40.49 -34.92 -20.18
N ARG C 278 40.62 -34.04 -19.19
CA ARG C 278 41.94 -33.62 -18.74
C ARG C 278 42.45 -34.36 -17.50
N ARG C 279 41.62 -35.14 -16.83
CA ARG C 279 42.12 -36.07 -15.83
C ARG C 279 42.58 -37.37 -16.46
N ARG C 280 42.35 -37.53 -17.77
CA ARG C 280 42.71 -38.71 -18.54
C ARG C 280 41.89 -39.93 -18.11
N TRP C 281 40.56 -39.76 -18.13
CA TRP C 281 39.62 -40.87 -18.13
C TRP C 281 39.04 -41.14 -19.52
N ILE C 282 38.72 -40.10 -20.28
CA ILE C 282 38.09 -40.26 -21.59
C ILE C 282 39.17 -40.42 -22.65
N ARG C 283 39.06 -41.47 -23.46
CA ARG C 283 40.02 -41.70 -24.53
C ARG C 283 40.04 -40.54 -25.51
N ASP C 284 41.23 -40.02 -25.77
CA ASP C 284 41.37 -38.73 -26.45
C ASP C 284 40.96 -38.82 -27.92
N SER C 285 40.47 -37.71 -28.45
CA SER C 285 40.06 -37.62 -29.85
C SER C 285 39.76 -36.17 -30.17
N CYS C 286 40.12 -35.77 -31.41
CA CYS C 286 39.96 -34.39 -31.82
C CYS C 286 38.49 -34.01 -32.00
N TYR C 287 37.73 -34.87 -32.68
CA TYR C 287 36.30 -34.59 -32.86
C TYR C 287 35.58 -34.49 -31.52
N THR C 288 35.86 -35.43 -30.61
CA THR C 288 35.24 -35.37 -29.28
C THR C 288 35.65 -34.10 -28.54
N ARG C 289 36.90 -33.68 -28.72
CA ARG C 289 37.36 -32.46 -28.07
C ARG C 289 36.57 -31.25 -28.56
N GLY C 290 36.37 -31.15 -29.87
CA GLY C 290 35.53 -30.10 -30.40
C GLY C 290 34.09 -30.19 -29.90
N LEU C 291 33.58 -31.41 -29.81
CA LEU C 291 32.23 -31.60 -29.27
C LEU C 291 32.13 -31.02 -27.88
N ILE C 292 33.09 -31.34 -27.02
CA ILE C 292 33.08 -30.83 -25.65
C ILE C 292 33.16 -29.31 -25.65
N ASN C 293 34.04 -28.76 -26.48
CA ASN C 293 34.20 -27.30 -26.52
C ASN C 293 32.90 -26.61 -26.88
N VAL C 294 32.28 -27.03 -27.99
CA VAL C 294 31.09 -26.35 -28.46
C VAL C 294 29.94 -26.58 -27.48
N GLY C 295 29.86 -27.77 -26.90
CA GLY C 295 28.82 -28.02 -25.91
C GLY C 295 28.94 -27.13 -24.71
N LEU C 296 30.16 -26.96 -24.20
CA LEU C 296 30.37 -26.07 -23.07
C LEU C 296 29.99 -24.64 -23.42
N ALA C 297 30.39 -24.20 -24.63
CA ALA C 297 30.07 -22.85 -25.05
C ALA C 297 28.56 -22.64 -25.12
N VAL C 298 27.82 -23.59 -25.68
CA VAL C 298 26.38 -23.42 -25.81
C VAL C 298 25.69 -23.51 -24.47
N THR C 299 26.14 -24.43 -23.60
CA THR C 299 25.50 -24.57 -22.30
C THR C 299 25.72 -23.33 -21.43
N SER C 300 26.85 -22.63 -21.60
CA SER C 300 27.03 -21.38 -20.88
C SER C 300 25.92 -20.39 -21.23
N LEU C 301 25.64 -20.23 -22.52
CA LEU C 301 24.56 -19.34 -22.94
C LEU C 301 23.20 -19.84 -22.46
N LEU C 302 23.01 -21.16 -22.43
CA LEU C 302 21.74 -21.70 -21.93
C LEU C 302 21.53 -21.32 -20.47
N GLN C 303 22.58 -21.46 -19.65
CA GLN C 303 22.47 -21.07 -18.25
C GLN C 303 22.27 -19.58 -18.11
N ALA C 304 22.93 -18.78 -18.95
CA ALA C 304 22.71 -17.34 -18.92
C ALA C 304 21.26 -17.01 -19.25
N LEU C 305 20.68 -17.70 -20.23
CA LEU C 305 19.28 -17.48 -20.58
C LEU C 305 18.37 -17.81 -19.40
N TYR C 306 18.62 -18.94 -18.73
CA TYR C 306 17.81 -19.26 -17.56
C TYR C 306 17.92 -18.16 -16.50
N SER C 307 19.16 -17.76 -16.19
CA SER C 307 19.34 -16.73 -15.16
C SER C 307 18.67 -15.42 -15.55
N ALA C 308 18.58 -15.15 -16.85
CA ALA C 308 17.92 -13.93 -17.30
C ALA C 308 16.40 -14.04 -17.16
N VAL C 309 15.85 -15.23 -17.44
CA VAL C 309 14.39 -15.39 -17.47
C VAL C 309 13.82 -15.91 -16.16
N VAL C 310 14.62 -16.06 -15.12
CA VAL C 310 14.12 -16.55 -13.83
C VAL C 310 12.94 -15.70 -13.37
N PRO C 311 13.11 -14.40 -13.14
CA PRO C 311 12.03 -13.63 -12.51
C PRO C 311 10.74 -13.61 -13.33
N LEU C 312 10.82 -13.61 -14.66
CA LEU C 312 9.61 -13.64 -15.48
C LEU C 312 8.83 -14.92 -15.25
N ILE C 313 9.51 -16.06 -15.18
CA ILE C 313 8.82 -17.33 -15.00
C ILE C 313 8.09 -17.36 -13.67
N TYR C 314 8.73 -16.91 -12.60
CA TYR C 314 8.09 -16.93 -11.29
C TYR C 314 6.97 -15.90 -11.18
N SER C 315 7.11 -14.76 -11.85
CA SER C 315 6.06 -13.75 -11.79
C SER C 315 4.84 -14.14 -12.62
N CYS C 316 5.05 -14.63 -13.84
CA CYS C 316 3.93 -14.95 -14.71
C CYS C 316 3.09 -16.09 -14.14
N LEU C 317 3.74 -17.10 -13.56
CA LEU C 317 3.00 -18.25 -13.03
C LEU C 317 2.06 -17.88 -11.90
N GLY C 318 2.21 -16.70 -11.31
CA GLY C 318 1.31 -16.28 -10.25
C GLY C 318 -0.01 -15.76 -10.80
N SER C 319 -0.90 -15.43 -9.88
CA SER C 319 -2.21 -14.92 -10.24
C SER C 319 -2.29 -13.40 -10.14
N LEU C 320 -1.82 -12.83 -9.02
CA LEU C 320 -1.89 -11.38 -8.86
C LEU C 320 -1.03 -10.67 -9.89
N PHE C 321 0.16 -11.20 -10.18
CA PHE C 321 1.00 -10.61 -11.22
C PHE C 321 0.34 -10.77 -12.58
N ARG C 322 -0.32 -11.90 -12.83
CA ARG C 322 -1.07 -12.06 -14.06
C ARG C 322 -2.13 -10.96 -14.18
N GLN C 323 -2.83 -10.67 -13.09
CA GLN C 323 -3.84 -9.61 -13.12
C GLN C 323 -3.22 -8.26 -13.40
N ARG C 324 -2.09 -7.97 -12.75
CA ARG C 324 -1.41 -6.69 -12.96
C ARG C 324 -0.81 -6.58 -14.35
N MET C 325 -0.62 -7.70 -15.05
CA MET C 325 -0.08 -7.64 -16.41
C MET C 325 -1.11 -7.09 -17.40
N TYR C 326 -2.40 -7.33 -17.17
CA TYR C 326 -3.41 -6.93 -18.13
C TYR C 326 -3.43 -5.41 -18.33
N GLY C 327 -3.28 -4.65 -17.25
CA GLY C 327 -3.36 -3.21 -17.37
C GLY C 327 -2.35 -2.66 -18.35
N LEU C 328 -1.12 -3.14 -18.27
CA LEU C 328 -0.08 -2.70 -19.21
C LEU C 328 -0.26 -3.32 -20.59
N PHE C 329 -0.74 -4.57 -20.65
CA PHE C 329 -0.90 -5.22 -21.95
C PHE C 329 -1.92 -4.50 -22.82
N GLN C 330 -2.98 -3.98 -22.22
CA GLN C 330 -4.10 -3.39 -22.94
C GLN C 330 -3.97 -1.88 -23.13
N SER C 331 -2.89 -1.25 -22.67
CA SER C 331 -2.72 0.19 -22.81
C SER C 331 -2.82 0.60 -24.27
N ALA D 1 30.73 -12.53 -19.98
CA ALA D 1 30.58 -14.02 -19.88
C ALA D 1 31.66 -14.73 -20.69
N SER D 2 32.91 -14.57 -20.26
CA SER D 2 34.04 -15.18 -20.94
C SER D 2 34.34 -16.60 -20.45
N VAL D 3 33.54 -17.12 -19.52
CA VAL D 3 33.82 -18.45 -18.97
C VAL D 3 33.78 -19.51 -20.06
N ALA D 4 33.03 -19.27 -21.13
CA ALA D 4 32.91 -20.29 -22.18
C ALA D 4 34.26 -20.67 -22.76
N THR D 5 35.23 -19.76 -22.71
CA THR D 5 36.53 -20.05 -23.31
C THR D 5 37.24 -21.17 -22.56
N GLU D 6 38.06 -21.91 -23.30
CA GLU D 6 38.81 -23.03 -22.74
C GLU D 6 40.15 -23.13 -23.46
N LEU D 7 41.11 -23.76 -22.80
CA LEU D 7 42.40 -24.04 -23.41
C LEU D 7 42.88 -25.42 -22.99
N ARG D 8 43.58 -26.08 -23.90
CA ARG D 8 44.06 -27.44 -23.68
C ARG D 8 45.43 -27.59 -24.31
N CYS D 9 46.24 -28.48 -23.73
CA CYS D 9 47.58 -28.69 -24.24
C CYS D 9 47.51 -29.09 -25.71
N GLN D 10 48.42 -28.51 -26.51
CA GLN D 10 48.31 -28.52 -27.96
C GLN D 10 49.05 -29.69 -28.60
N CYS D 11 49.08 -30.86 -27.96
CA CYS D 11 49.67 -32.04 -28.56
C CYS D 11 49.02 -33.31 -28.03
N LEU D 12 48.52 -34.13 -28.95
CA LEU D 12 48.14 -35.50 -28.70
C LEU D 12 49.12 -36.39 -29.45
N GLN D 13 49.73 -37.34 -28.73
CA GLN D 13 50.99 -37.89 -29.21
C GLN D 13 51.08 -39.38 -28.99
N THR D 14 51.87 -40.01 -29.86
CA THR D 14 52.49 -41.31 -29.63
C THR D 14 53.91 -41.29 -30.19
N LEU D 15 54.57 -40.14 -30.10
CA LEU D 15 55.69 -39.80 -30.97
C LEU D 15 57.02 -39.87 -30.22
N GLN D 16 58.01 -40.48 -30.87
CA GLN D 16 59.37 -40.55 -30.37
C GLN D 16 60.24 -41.19 -31.44
N GLY D 17 61.52 -40.86 -31.42
CA GLY D 17 62.51 -41.58 -32.18
C GLY D 17 62.57 -41.27 -33.66
N ILE D 18 61.96 -40.17 -34.10
CA ILE D 18 62.08 -39.78 -35.51
C ILE D 18 63.50 -39.28 -35.77
N HIS D 19 63.98 -39.52 -36.98
CA HIS D 19 65.34 -39.16 -37.33
C HIS D 19 65.52 -37.64 -37.18
N PRO D 20 66.62 -37.18 -36.57
CA PRO D 20 66.71 -35.75 -36.23
C PRO D 20 66.58 -34.81 -37.41
N LYS D 21 67.17 -35.12 -38.55
CA LYS D 21 67.42 -34.14 -39.61
C LYS D 21 66.50 -34.29 -40.82
N CYS D 22 65.48 -35.15 -40.77
CA CYS D 22 64.46 -35.18 -41.81
C CYS D 22 63.15 -34.56 -41.35
N ILE D 23 62.99 -34.26 -40.06
CA ILE D 23 61.95 -33.35 -39.63
C ILE D 23 62.41 -31.93 -39.91
N GLN D 24 61.57 -31.16 -40.62
CA GLN D 24 62.07 -29.96 -41.27
C GLN D 24 62.32 -28.83 -40.27
N SER D 25 61.26 -28.33 -39.63
CA SER D 25 61.37 -27.05 -38.91
C SER D 25 60.55 -27.15 -37.63
N VAL D 26 60.65 -26.08 -36.82
CA VAL D 26 60.03 -26.02 -35.51
C VAL D 26 59.41 -24.65 -35.29
N ASN D 27 58.49 -24.59 -34.34
CA ASN D 27 58.04 -23.34 -33.73
C ASN D 27 58.04 -23.55 -32.22
N VAL D 28 58.56 -22.56 -31.49
CA VAL D 28 58.86 -22.75 -30.08
C VAL D 28 57.59 -22.75 -29.26
N LYS D 29 57.44 -23.77 -28.41
CA LYS D 29 56.31 -23.90 -27.49
C LYS D 29 56.84 -23.98 -26.06
N SER D 30 56.23 -23.22 -25.17
CA SER D 30 56.71 -23.04 -23.81
C SER D 30 55.58 -23.28 -22.82
N PRO D 31 55.91 -23.61 -21.58
CA PRO D 31 54.87 -23.82 -20.57
C PRO D 31 54.14 -22.52 -20.24
N GLY D 32 52.90 -22.67 -19.79
CA GLY D 32 52.08 -21.54 -19.42
C GLY D 32 50.82 -21.97 -18.70
N PRO D 33 49.86 -21.05 -18.58
CA PRO D 33 48.58 -21.44 -17.98
C PRO D 33 47.86 -22.51 -18.76
N HIS D 34 48.00 -22.52 -20.09
CA HIS D 34 47.33 -23.54 -20.89
C HIS D 34 47.86 -24.94 -20.57
N CYS D 35 49.18 -25.08 -20.46
CA CYS D 35 49.81 -26.36 -20.14
C CYS D 35 50.99 -26.06 -19.22
N ALA D 36 50.83 -26.35 -17.93
CA ALA D 36 51.88 -26.01 -16.96
C ALA D 36 53.18 -26.72 -17.31
N GLN D 37 53.11 -27.99 -17.68
CA GLN D 37 54.30 -28.73 -18.07
C GLN D 37 54.82 -28.23 -19.41
N THR D 38 56.05 -28.62 -19.73
CA THR D 38 56.64 -28.29 -21.02
C THR D 38 55.97 -29.09 -22.14
N GLU D 39 56.08 -28.57 -23.35
CA GLU D 39 55.52 -29.23 -24.53
C GLU D 39 56.25 -28.71 -25.77
N VAL D 40 56.38 -29.57 -26.78
CA VAL D 40 57.09 -29.24 -28.01
C VAL D 40 56.36 -29.83 -29.19
N ILE D 41 56.36 -29.11 -30.31
CA ILE D 41 55.76 -29.56 -31.56
C ILE D 41 56.68 -29.19 -32.72
N ALA D 42 56.74 -30.06 -33.72
CA ALA D 42 57.56 -29.87 -34.90
C ALA D 42 56.68 -29.95 -36.14
N THR D 43 57.32 -29.86 -37.32
CA THR D 43 56.62 -29.86 -38.59
C THR D 43 57.39 -30.68 -39.62
N LEU D 44 56.73 -30.93 -40.75
CA LEU D 44 57.33 -31.58 -41.90
C LEU D 44 56.86 -30.89 -43.17
N LYS D 45 57.64 -31.04 -44.24
CA LYS D 45 57.17 -30.61 -45.56
C LYS D 45 55.97 -31.43 -46.01
N ASN D 46 55.72 -32.57 -45.37
CA ASN D 46 54.57 -33.39 -45.70
C ASN D 46 53.25 -32.65 -45.53
N GLY D 47 53.23 -31.61 -44.70
CA GLY D 47 52.00 -30.90 -44.40
C GLY D 47 51.45 -31.31 -43.05
N ARG D 48 51.60 -32.58 -42.71
CA ARG D 48 51.23 -33.04 -41.38
C ARG D 48 52.35 -32.75 -40.40
N LYS D 49 51.99 -32.65 -39.12
CA LYS D 49 52.91 -32.25 -38.05
C LYS D 49 53.40 -33.49 -37.31
N ALA D 50 54.26 -33.26 -36.31
CA ALA D 50 54.79 -34.33 -35.47
C ALA D 50 55.20 -33.72 -34.13
N CYS D 51 54.38 -33.94 -33.10
CA CYS D 51 54.71 -33.46 -31.76
C CYS D 51 55.92 -34.21 -31.22
N LEU D 52 56.76 -33.50 -30.47
CA LEU D 52 57.93 -34.08 -29.83
C LEU D 52 57.71 -34.18 -28.33
N ASN D 53 58.03 -35.33 -27.76
CA ASN D 53 57.85 -35.53 -26.32
C ASN D 53 58.74 -34.53 -25.57
N PRO D 54 58.22 -33.83 -24.55
CA PRO D 54 59.07 -32.90 -23.80
C PRO D 54 60.13 -33.58 -22.96
N ALA D 55 60.01 -34.87 -22.68
CA ALA D 55 60.94 -35.58 -21.82
C ALA D 55 61.15 -36.99 -22.36
N SER D 56 62.41 -37.35 -22.60
CA SER D 56 62.77 -38.68 -23.05
C SER D 56 64.30 -38.75 -23.13
N PRO D 57 64.88 -39.95 -23.09
CA PRO D 57 66.34 -40.04 -23.16
C PRO D 57 66.91 -39.56 -24.48
N ILE D 58 66.08 -39.35 -25.49
CA ILE D 58 66.57 -38.91 -26.81
C ILE D 58 66.61 -37.39 -26.92
N VAL D 59 65.65 -36.69 -26.30
CA VAL D 59 65.56 -35.24 -26.48
C VAL D 59 66.79 -34.55 -25.90
N LYS D 60 67.33 -35.08 -24.81
CA LYS D 60 68.51 -34.48 -24.19
C LYS D 60 69.69 -34.46 -25.14
N LYS D 61 69.67 -35.28 -26.18
CA LYS D 61 70.63 -35.20 -27.27
C LYS D 61 70.12 -34.39 -28.46
N ILE D 62 68.81 -34.37 -28.68
CA ILE D 62 68.25 -33.69 -29.85
C ILE D 62 68.36 -32.18 -29.71
N ILE D 63 68.30 -31.67 -28.48
CA ILE D 63 68.25 -30.22 -28.28
C ILE D 63 69.39 -29.53 -29.01
N GLU D 64 70.63 -29.89 -28.66
CA GLU D 64 71.79 -29.19 -29.22
C GLU D 64 71.87 -29.36 -30.73
N LYS D 65 71.63 -30.58 -31.22
CA LYS D 65 71.77 -30.82 -32.65
C LYS D 65 70.75 -30.03 -33.45
N MET D 66 69.51 -29.96 -32.97
CA MET D 66 68.50 -29.18 -33.69
C MET D 66 68.77 -27.68 -33.56
N LEU D 67 69.34 -27.25 -32.44
CA LEU D 67 69.65 -25.83 -32.26
C LEU D 67 70.78 -25.40 -33.20
N ASN D 68 71.75 -26.28 -33.44
CA ASN D 68 72.93 -25.89 -34.21
C ASN D 68 72.55 -25.43 -35.62
N SER D 69 71.65 -26.18 -36.28
CA SER D 69 71.25 -25.78 -37.63
C SER D 69 70.55 -24.42 -37.61
N ASP D 70 69.75 -24.16 -36.58
CA ASP D 70 69.14 -22.84 -36.44
C ASP D 70 70.20 -21.77 -36.31
N LYS D 71 71.26 -22.04 -35.54
CA LYS D 71 72.35 -21.09 -35.35
C LYS D 71 73.39 -21.13 -36.47
N SER D 72 73.24 -22.04 -37.44
CA SER D 72 74.25 -22.24 -38.48
C SER D 72 73.52 -22.45 -39.80
N ASN D 73 74.25 -23.00 -40.78
CA ASN D 73 73.72 -23.24 -42.12
C ASN D 73 73.50 -24.74 -42.35
N THR E 4 16.16 19.78 3.85
CA THR E 4 15.40 20.94 3.32
C THR E 4 14.19 21.27 4.20
N LEU E 5 13.71 20.28 4.94
CA LEU E 5 12.54 20.45 5.78
C LEU E 5 12.88 21.30 7.01
N SER E 6 11.83 21.83 7.63
CA SER E 6 11.97 22.68 8.81
C SER E 6 12.02 21.81 10.06
N ALA E 7 11.94 22.46 11.23
CA ALA E 7 12.01 21.70 12.48
C ALA E 7 10.72 20.93 12.74
N GLU E 8 9.56 21.56 12.52
CA GLU E 8 8.29 20.91 12.81
C GLU E 8 7.92 19.86 11.76
N ASP E 9 8.36 20.04 10.52
CA ASP E 9 8.06 19.07 9.49
C ASP E 9 8.67 17.70 9.81
N LYS E 10 9.89 17.71 10.35
CA LYS E 10 10.53 16.45 10.72
C LYS E 10 9.74 15.74 11.83
N ALA E 11 9.27 16.50 12.82
CA ALA E 11 8.46 15.90 13.88
C ALA E 11 7.16 15.35 13.32
N ALA E 12 6.55 16.06 12.38
CA ALA E 12 5.33 15.55 11.75
C ALA E 12 5.61 14.24 11.00
N VAL E 13 6.74 14.17 10.31
CA VAL E 13 7.10 12.93 9.60
C VAL E 13 7.31 11.80 10.59
N GLU E 14 7.96 12.09 11.73
CA GLU E 14 8.14 11.05 12.75
C GLU E 14 6.80 10.57 13.28
N ARG E 15 5.87 11.49 13.51
CA ARG E 15 4.53 11.11 13.95
C ARG E 15 3.85 10.22 12.92
N SER E 16 3.98 10.56 11.64
CA SER E 16 3.40 9.74 10.58
C SER E 16 4.01 8.35 10.57
N LYS E 17 5.33 8.26 10.73
CA LYS E 17 5.97 6.95 10.76
C LYS E 17 5.49 6.12 11.95
N MET E 18 5.32 6.75 13.11
CA MET E 18 4.81 6.03 14.27
C MET E 18 3.39 5.53 14.02
N ILE E 19 2.55 6.37 13.42
CA ILE E 19 1.19 5.94 13.09
C ILE E 19 1.22 4.77 12.13
N ASP E 20 2.11 4.81 11.13
CA ASP E 20 2.21 3.71 10.18
C ASP E 20 2.64 2.42 10.88
N ARG E 21 3.60 2.52 11.80
CA ARG E 21 4.03 1.34 12.56
C ARG E 21 2.86 0.75 13.35
N ASN E 22 2.09 1.61 14.02
CA ASN E 22 0.95 1.11 14.78
C ASN E 22 -0.08 0.46 13.87
N LEU E 23 -0.35 1.07 12.71
CA LEU E 23 -1.32 0.49 11.79
C LEU E 23 -0.85 -0.87 11.28
N ARG E 24 0.43 -0.98 10.96
CA ARG E 24 0.97 -2.26 10.51
C ARG E 24 0.83 -3.33 11.58
N GLU E 25 1.17 -2.97 12.83
CA GLU E 25 1.06 -3.95 13.91
C GLU E 25 -0.40 -4.39 14.11
N ASP E 26 -1.33 -3.43 14.08
CA ASP E 26 -2.73 -3.79 14.27
C ASP E 26 -3.23 -4.64 13.12
N GLY E 27 -2.79 -4.36 11.89
CA GLY E 27 -3.17 -5.18 10.77
C GLY E 27 -2.66 -6.60 10.89
N GLU E 28 -1.42 -6.77 11.34
CA GLU E 28 -0.90 -8.11 11.58
C GLU E 28 -1.70 -8.81 12.68
N LYS E 29 -2.13 -8.06 13.69
CA LYS E 29 -2.95 -8.66 14.74
C LYS E 29 -4.31 -9.07 14.21
N ALA E 30 -4.83 -8.35 13.21
CA ALA E 30 -6.15 -8.61 12.65
C ALA E 30 -6.13 -9.60 11.49
N ALA E 31 -4.96 -10.07 11.07
CA ALA E 31 -4.87 -11.07 10.03
C ALA E 31 -5.05 -12.49 10.54
N ARG E 32 -5.26 -12.66 11.84
CA ARG E 32 -5.46 -13.97 12.45
C ARG E 32 -6.83 -14.12 13.09
N GLU E 33 -7.67 -13.09 13.05
CA GLU E 33 -9.05 -13.16 13.53
C GLU E 33 -9.92 -13.47 12.32
N VAL E 34 -10.18 -14.76 12.09
CA VAL E 34 -10.96 -15.17 10.94
C VAL E 34 -12.40 -14.70 11.10
N LYS E 35 -12.96 -14.13 10.04
CA LYS E 35 -14.34 -13.69 10.02
C LYS E 35 -15.21 -14.74 9.32
N LEU E 36 -16.41 -14.95 9.85
CA LEU E 36 -17.38 -15.86 9.28
C LEU E 36 -18.71 -15.14 9.14
N LEU E 37 -19.54 -15.63 8.22
CA LEU E 37 -20.87 -15.10 8.01
C LEU E 37 -21.88 -16.23 8.07
N LEU E 38 -22.96 -16.00 8.81
CA LEU E 38 -24.00 -17.01 9.02
C LEU E 38 -25.22 -16.67 8.17
N LEU E 39 -25.67 -17.64 7.40
CA LEU E 39 -26.85 -17.50 6.55
C LEU E 39 -27.85 -18.60 6.90
N GLY E 40 -28.99 -18.57 6.24
CA GLY E 40 -30.02 -19.57 6.41
C GLY E 40 -31.40 -18.96 6.35
N ALA E 41 -32.36 -19.78 5.90
CA ALA E 41 -33.75 -19.33 5.83
C ALA E 41 -34.34 -19.08 7.22
N GLY E 42 -33.71 -19.61 8.26
CA GLY E 42 -34.19 -19.40 9.61
C GLY E 42 -33.08 -19.61 10.61
N GLU E 43 -33.45 -19.65 11.89
CA GLU E 43 -32.45 -19.85 12.93
C GLU E 43 -31.76 -21.19 12.77
N SER E 44 -32.53 -22.25 12.48
CA SER E 44 -32.00 -23.58 12.20
C SER E 44 -31.14 -24.12 13.34
N GLY E 45 -31.34 -23.62 14.55
CA GLY E 45 -30.55 -24.07 15.69
C GLY E 45 -29.07 -23.84 15.54
N LYS E 46 -28.68 -22.73 14.90
CA LYS E 46 -27.27 -22.42 14.71
C LYS E 46 -26.62 -21.87 15.98
N SER E 47 -27.41 -21.38 16.93
CA SER E 47 -26.88 -20.86 18.18
C SER E 47 -26.54 -21.96 19.18
N THR E 48 -26.88 -23.21 18.90
CA THR E 48 -26.57 -24.29 19.83
C THR E 48 -25.08 -24.54 19.95
N ILE E 49 -24.28 -24.15 18.95
CA ILE E 49 -22.83 -24.31 19.05
C ILE E 49 -22.28 -23.38 20.13
N VAL E 50 -22.68 -22.11 20.10
CA VAL E 50 -22.18 -21.15 21.08
C VAL E 50 -22.68 -21.51 22.48
N LYS E 51 -23.94 -21.96 22.58
CA LYS E 51 -24.47 -22.35 23.89
C LYS E 51 -23.70 -23.53 24.46
N GLN E 52 -23.40 -24.54 23.64
CA GLN E 52 -22.64 -25.68 24.11
C GLN E 52 -21.22 -25.29 24.50
N MET E 53 -20.57 -24.46 23.69
CA MET E 53 -19.20 -24.06 23.99
C MET E 53 -19.15 -23.11 25.19
N LYS E 54 -20.25 -22.45 25.52
CA LYS E 54 -20.37 -21.56 26.67
C LYS E 54 -19.12 -20.67 26.82
N ILE E 55 -18.89 -19.86 25.80
CA ILE E 55 -17.81 -18.90 25.82
C ILE E 55 -18.16 -17.77 26.79
N THR E 182 -29.38 -3.00 18.27
CA THR E 182 -28.46 -2.02 17.70
C THR E 182 -27.46 -2.70 16.78
N GLY E 183 -27.35 -2.19 15.54
CA GLY E 183 -26.42 -2.76 14.60
C GLY E 183 -26.74 -4.21 14.31
N ILE E 184 -25.72 -5.07 14.40
CA ILE E 184 -25.86 -6.50 14.14
C ILE E 184 -25.20 -7.26 15.28
N VAL E 185 -25.60 -8.52 15.42
CA VAL E 185 -25.09 -9.38 16.49
C VAL E 185 -23.75 -9.97 16.06
N GLU E 186 -22.82 -10.06 17.00
CA GLU E 186 -21.50 -10.61 16.75
C GLU E 186 -21.05 -11.40 17.97
N THR E 187 -20.43 -12.55 17.73
CA THR E 187 -19.96 -13.42 18.80
C THR E 187 -18.49 -13.73 18.59
N HIS E 188 -17.78 -13.94 19.70
CA HIS E 188 -16.35 -14.13 19.71
C HIS E 188 -15.99 -15.36 20.54
N PHE E 189 -15.08 -16.18 20.02
CA PHE E 189 -14.55 -17.32 20.75
C PHE E 189 -13.25 -17.75 20.10
N THR E 190 -12.41 -18.40 20.89
CA THR E 190 -11.09 -18.83 20.45
C THR E 190 -10.93 -20.33 20.66
N PHE E 191 -10.09 -20.93 19.82
CA PHE E 191 -9.88 -22.39 19.88
C PHE E 191 -8.55 -22.70 19.22
N LYS E 192 -7.59 -23.21 19.99
CA LYS E 192 -6.30 -23.65 19.47
C LYS E 192 -5.51 -22.49 18.88
N ASP E 193 -5.30 -21.47 19.70
CA ASP E 193 -4.47 -20.32 19.33
C ASP E 193 -4.97 -19.66 18.05
N LEU E 194 -6.29 -19.51 17.94
CA LEU E 194 -6.90 -18.88 16.78
C LEU E 194 -8.19 -18.19 17.23
N HIS E 195 -8.43 -17.00 16.69
CA HIS E 195 -9.57 -16.18 17.07
C HIS E 195 -10.65 -16.27 16.00
N PHE E 196 -11.89 -16.46 16.43
CA PHE E 196 -13.04 -16.58 15.54
C PHE E 196 -14.07 -15.51 15.86
N LYS E 197 -14.47 -14.76 14.84
CA LYS E 197 -15.61 -13.85 14.91
C LYS E 197 -16.61 -14.27 13.86
N MET E 198 -17.86 -14.47 14.27
CA MET E 198 -18.92 -14.86 13.36
C MET E 198 -20.07 -13.87 13.45
N PHE E 199 -20.60 -13.49 12.29
CA PHE E 199 -21.67 -12.50 12.19
C PHE E 199 -22.95 -13.18 11.73
N ASP E 200 -24.06 -12.48 11.87
CA ASP E 200 -25.38 -12.99 11.51
C ASP E 200 -26.05 -12.01 10.57
N VAL E 201 -26.60 -12.53 9.47
CA VAL E 201 -27.28 -11.68 8.49
C VAL E 201 -28.70 -11.35 8.88
N GLY E 202 -29.21 -11.93 9.97
CA GLY E 202 -30.60 -11.72 10.35
C GLY E 202 -30.93 -10.29 10.70
N GLY E 203 -29.92 -9.45 10.94
CA GLY E 203 -30.12 -8.05 11.24
C GLY E 203 -30.41 -7.18 10.04
N GLN E 204 -30.57 -7.76 8.85
CA GLN E 204 -30.82 -6.99 7.65
C GLN E 204 -32.14 -6.24 7.77
N ARG E 205 -32.15 -4.99 7.30
CA ARG E 205 -33.36 -4.17 7.28
C ARG E 205 -33.87 -3.86 5.88
N SER E 206 -33.15 -4.28 4.84
CA SER E 206 -33.56 -4.04 3.46
C SER E 206 -33.04 -5.20 2.61
N GLU E 207 -33.09 -5.02 1.29
CA GLU E 207 -32.63 -6.07 0.39
C GLU E 207 -31.14 -6.30 0.55
N ARG E 208 -30.73 -7.55 0.33
CA ARG E 208 -29.37 -7.97 0.61
C ARG E 208 -28.34 -7.37 -0.33
N LYS E 209 -28.75 -6.71 -1.41
CA LYS E 209 -27.80 -6.18 -2.37
C LYS E 209 -26.78 -5.28 -1.69
N LYS E 210 -27.25 -4.38 -0.82
CA LYS E 210 -26.36 -3.48 -0.10
C LYS E 210 -25.81 -4.08 1.18
N TRP E 211 -26.53 -5.04 1.78
CA TRP E 211 -26.13 -5.61 3.05
C TRP E 211 -24.99 -6.60 2.91
N ILE E 212 -24.89 -7.30 1.78
CA ILE E 212 -23.97 -8.42 1.67
C ILE E 212 -22.61 -8.00 1.13
N HIS E 213 -22.54 -6.96 0.29
CA HIS E 213 -21.28 -6.60 -0.34
C HIS E 213 -20.21 -6.21 0.66
N CYS E 214 -20.60 -5.72 1.85
CA CYS E 214 -19.62 -5.28 2.83
C CYS E 214 -18.83 -6.43 3.45
N PHE E 215 -19.27 -7.68 3.26
CA PHE E 215 -18.61 -8.84 3.83
C PHE E 215 -17.72 -9.55 2.81
N GLU E 216 -17.11 -8.82 1.90
CA GLU E 216 -16.29 -9.44 0.87
C GLU E 216 -15.01 -10.05 1.44
N GLY E 217 -14.57 -9.60 2.61
CA GLY E 217 -13.34 -10.07 3.20
C GLY E 217 -13.46 -11.29 4.09
N VAL E 218 -14.66 -11.88 4.22
CA VAL E 218 -14.83 -13.03 5.08
C VAL E 218 -14.03 -14.20 4.54
N THR E 219 -13.56 -15.05 5.45
CA THR E 219 -12.79 -16.23 5.04
C THR E 219 -13.72 -17.34 4.55
N ALA E 220 -14.71 -17.71 5.36
CA ALA E 220 -15.64 -18.76 5.01
C ALA E 220 -17.05 -18.31 5.34
N ILE E 221 -18.01 -18.89 4.64
CA ILE E 221 -19.43 -18.60 4.82
C ILE E 221 -20.13 -19.89 5.22
N ILE E 222 -20.90 -19.84 6.29
CA ILE E 222 -21.59 -21.00 6.83
C ILE E 222 -23.05 -20.96 6.40
N PHE E 223 -23.56 -22.07 5.91
CA PHE E 223 -24.94 -22.23 5.50
C PHE E 223 -25.53 -23.43 6.21
N CYS E 224 -26.77 -23.28 6.69
CA CYS E 224 -27.42 -24.30 7.49
C CYS E 224 -28.73 -24.72 6.85
N VAL E 225 -29.02 -26.02 6.90
CA VAL E 225 -30.27 -26.58 6.41
C VAL E 225 -30.76 -27.61 7.41
N ALA E 226 -32.06 -27.60 7.70
CA ALA E 226 -32.66 -28.57 8.61
C ALA E 226 -33.28 -29.70 7.80
N LEU E 227 -32.94 -30.94 8.18
CA LEU E 227 -33.42 -32.11 7.45
C LEU E 227 -34.83 -32.52 7.84
N SER E 228 -35.39 -31.96 8.91
CA SER E 228 -36.71 -32.31 9.38
C SER E 228 -37.75 -31.23 9.07
N ASP E 229 -37.44 -30.31 8.16
CA ASP E 229 -38.32 -29.19 7.83
C ASP E 229 -38.84 -29.25 6.41
N TYR E 230 -39.01 -30.47 5.86
CA TYR E 230 -39.50 -30.63 4.50
C TYR E 230 -40.98 -30.96 4.43
N ASP E 231 -41.51 -31.69 5.42
CA ASP E 231 -42.90 -32.09 5.44
C ASP E 231 -43.77 -31.20 6.33
N LEU E 232 -43.23 -30.08 6.81
CA LEU E 232 -44.02 -29.19 7.64
C LEU E 232 -45.18 -28.61 6.85
N VAL E 233 -46.32 -28.45 7.53
CA VAL E 233 -47.52 -27.93 6.89
C VAL E 233 -47.33 -26.47 6.52
N ASN E 241 -42.23 -24.91 -3.27
CA ASN E 241 -42.02 -25.59 -1.99
C ASN E 241 -40.89 -24.92 -1.21
N ARG E 242 -40.81 -25.24 0.09
CA ARG E 242 -39.74 -24.69 0.91
C ARG E 242 -38.37 -25.16 0.42
N MET E 243 -38.30 -26.41 -0.05
CA MET E 243 -37.03 -26.93 -0.56
C MET E 243 -36.58 -26.16 -1.80
N HIS E 244 -37.52 -25.81 -2.68
CA HIS E 244 -37.17 -25.00 -3.85
C HIS E 244 -36.66 -23.63 -3.43
N GLU E 245 -37.29 -23.01 -2.42
CA GLU E 245 -36.81 -21.72 -1.93
C GLU E 245 -35.41 -21.84 -1.37
N SER E 246 -35.15 -22.90 -0.59
CA SER E 246 -33.81 -23.11 -0.04
C SER E 246 -32.79 -23.32 -1.16
N MET E 247 -33.17 -24.07 -2.19
CA MET E 247 -32.27 -24.31 -3.31
C MET E 247 -31.94 -23.01 -4.02
N LYS E 248 -32.94 -22.16 -4.27
CA LYS E 248 -32.69 -20.88 -4.91
C LYS E 248 -31.82 -19.98 -4.04
N LEU E 249 -32.07 -19.99 -2.72
CA LEU E 249 -31.23 -19.21 -1.81
C LEU E 249 -29.78 -19.69 -1.86
N PHE E 250 -29.57 -21.01 -1.84
CA PHE E 250 -28.21 -21.54 -1.89
C PHE E 250 -27.54 -21.16 -3.20
N ASP E 251 -28.28 -21.24 -4.31
CA ASP E 251 -27.72 -20.85 -5.60
C ASP E 251 -27.32 -19.39 -5.62
N SER E 252 -28.18 -18.52 -5.06
CA SER E 252 -27.86 -17.10 -5.03
C SER E 252 -26.67 -16.81 -4.11
N ILE E 253 -26.52 -17.58 -3.03
CA ILE E 253 -25.43 -17.34 -2.08
C ILE E 253 -24.11 -17.82 -2.65
N CYS E 254 -24.02 -19.11 -2.98
CA CYS E 254 -22.74 -19.66 -3.42
C CYS E 254 -22.30 -19.08 -4.76
N ASN E 255 -23.26 -18.69 -5.60
CA ASN E 255 -22.97 -18.12 -6.91
C ASN E 255 -23.09 -16.60 -6.93
N ASN E 256 -23.10 -15.96 -5.76
CA ASN E 256 -23.27 -14.53 -5.68
C ASN E 256 -22.09 -13.81 -6.34
N LYS E 257 -22.38 -12.62 -6.87
CA LYS E 257 -21.33 -11.83 -7.52
C LYS E 257 -20.21 -11.49 -6.56
N TRP E 258 -20.55 -11.09 -5.34
CA TRP E 258 -19.55 -10.63 -4.38
C TRP E 258 -18.77 -11.77 -3.74
N PHE E 259 -19.41 -12.92 -3.52
CA PHE E 259 -18.72 -14.09 -2.97
C PHE E 259 -17.99 -14.80 -4.10
N THR E 260 -16.92 -14.15 -4.58
CA THR E 260 -16.18 -14.68 -5.71
C THR E 260 -15.34 -15.90 -5.32
N ASP E 261 -14.64 -15.82 -4.19
CA ASP E 261 -13.68 -16.85 -3.80
C ASP E 261 -13.80 -17.17 -2.32
N THR E 262 -15.02 -17.34 -1.83
CA THR E 262 -15.27 -17.66 -0.43
C THR E 262 -15.76 -19.11 -0.32
N SER E 263 -15.03 -19.92 0.41
CA SER E 263 -15.44 -21.30 0.63
C SER E 263 -16.74 -21.34 1.42
N ILE E 264 -17.56 -22.34 1.12
CA ILE E 264 -18.86 -22.52 1.74
C ILE E 264 -18.85 -23.80 2.56
N ILE E 265 -19.46 -23.75 3.75
CA ILE E 265 -19.56 -24.88 4.65
C ILE E 265 -21.05 -25.18 4.83
N LEU E 266 -21.39 -26.47 4.85
CA LEU E 266 -22.77 -26.90 5.01
C LEU E 266 -22.90 -27.72 6.28
N PHE E 267 -23.88 -27.35 7.12
CA PHE E 267 -24.19 -28.08 8.34
C PHE E 267 -25.63 -28.54 8.26
N LEU E 268 -25.84 -29.85 8.34
CA LEU E 268 -27.18 -30.45 8.26
C LEU E 268 -27.56 -30.89 9.68
N ASN E 269 -28.59 -30.26 10.23
CA ASN E 269 -28.98 -30.45 11.62
C ASN E 269 -30.18 -31.40 11.72
N LYS E 270 -30.41 -31.91 12.92
CA LYS E 270 -31.56 -32.75 13.22
C LYS E 270 -31.50 -34.07 12.43
N LYS E 271 -30.33 -34.73 12.51
CA LYS E 271 -30.18 -36.02 11.84
C LYS E 271 -30.87 -37.14 12.61
N ASP E 272 -30.85 -37.08 13.95
CA ASP E 272 -31.47 -38.13 14.74
C ASP E 272 -32.97 -38.22 14.46
N LEU E 273 -33.64 -37.09 14.36
CA LEU E 273 -35.07 -37.10 14.04
C LEU E 273 -35.31 -37.37 12.56
N PHE E 274 -34.40 -36.91 11.69
CA PHE E 274 -34.56 -37.15 10.26
C PHE E 274 -34.50 -38.63 9.93
N GLU E 275 -33.64 -39.38 10.64
CA GLU E 275 -33.49 -40.80 10.32
C GLU E 275 -34.80 -41.56 10.50
N GLU E 276 -35.55 -41.24 11.56
CA GLU E 276 -36.77 -42.00 11.85
C GLU E 276 -37.94 -41.54 10.99
N LYS E 277 -38.13 -40.22 10.86
CA LYS E 277 -39.31 -39.69 10.20
C LYS E 277 -39.29 -39.87 8.69
N ILE E 278 -38.16 -40.27 8.10
CA ILE E 278 -38.12 -40.55 6.67
C ILE E 278 -38.99 -41.74 6.33
N LYS E 279 -39.23 -42.64 7.28
CA LYS E 279 -40.05 -43.82 7.02
C LYS E 279 -41.46 -43.44 6.60
N LYS E 280 -41.99 -42.35 7.16
CA LYS E 280 -43.35 -41.94 6.80
C LYS E 280 -43.42 -41.52 5.33
N SER E 281 -42.44 -40.74 4.87
CA SER E 281 -42.46 -40.27 3.49
C SER E 281 -41.07 -39.80 3.10
N PRO E 282 -40.60 -40.12 1.90
CA PRO E 282 -39.31 -39.58 1.43
C PRO E 282 -39.49 -38.15 0.94
N LEU E 283 -38.43 -37.61 0.36
CA LEU E 283 -38.42 -36.25 -0.17
C LEU E 283 -39.10 -36.15 -1.55
N THR E 284 -39.84 -37.18 -1.95
CA THR E 284 -40.48 -37.18 -3.27
C THR E 284 -41.59 -36.15 -3.39
N ILE E 285 -42.04 -35.56 -2.29
CA ILE E 285 -43.16 -34.62 -2.34
C ILE E 285 -42.79 -33.35 -3.10
N CYS E 286 -41.50 -33.08 -3.30
CA CYS E 286 -41.09 -31.84 -3.94
C CYS E 286 -40.21 -32.10 -5.15
N TYR E 287 -39.36 -33.14 -5.11
CA TYR E 287 -38.49 -33.45 -6.22
C TYR E 287 -38.97 -34.69 -6.97
N PRO E 288 -38.88 -34.71 -8.31
CA PRO E 288 -39.18 -35.94 -9.04
C PRO E 288 -37.96 -36.83 -9.19
N GLU E 289 -38.11 -37.93 -9.91
CA GLU E 289 -37.00 -38.83 -10.27
C GLU E 289 -36.13 -39.15 -9.05
N TYR E 290 -36.79 -39.53 -7.96
CA TYR E 290 -36.06 -40.01 -6.80
C TYR E 290 -35.40 -41.34 -7.11
N ALA E 291 -34.13 -41.47 -6.72
CA ALA E 291 -33.33 -42.64 -7.05
C ALA E 291 -32.77 -43.25 -5.78
N GLY E 292 -32.45 -44.54 -5.85
CA GLY E 292 -31.91 -45.27 -4.73
C GLY E 292 -32.99 -45.93 -3.88
N SER E 293 -32.53 -46.73 -2.93
CA SER E 293 -33.43 -47.43 -2.02
C SER E 293 -33.87 -46.47 -0.92
N ASN E 294 -34.53 -46.99 0.11
CA ASN E 294 -35.08 -46.19 1.19
C ASN E 294 -34.07 -45.92 2.29
N THR E 295 -32.84 -46.43 2.19
CA THR E 295 -31.85 -46.22 3.23
C THR E 295 -31.56 -44.73 3.40
N TYR E 296 -31.53 -44.29 4.64
CA TYR E 296 -31.33 -42.86 4.92
C TYR E 296 -29.99 -42.37 4.39
N GLU E 297 -28.97 -43.22 4.36
CA GLU E 297 -27.65 -42.77 3.91
C GLU E 297 -27.68 -42.37 2.45
N GLU E 298 -28.29 -43.19 1.59
CA GLU E 298 -28.33 -42.86 0.17
C GLU E 298 -29.18 -41.61 -0.08
N ALA E 299 -30.28 -41.46 0.64
CA ALA E 299 -31.08 -40.25 0.51
C ALA E 299 -30.29 -39.03 0.95
N ALA E 300 -29.55 -39.14 2.06
CA ALA E 300 -28.74 -38.01 2.51
C ALA E 300 -27.70 -37.65 1.46
N ALA E 301 -27.08 -38.65 0.85
CA ALA E 301 -26.15 -38.38 -0.25
C ALA E 301 -26.86 -37.69 -1.40
N TYR E 302 -28.10 -38.10 -1.69
CA TYR E 302 -28.85 -37.47 -2.77
C TYR E 302 -29.07 -35.99 -2.50
N ILE E 303 -29.54 -35.64 -1.30
CA ILE E 303 -29.74 -34.23 -0.97
C ILE E 303 -28.41 -33.48 -0.97
N GLN E 304 -27.35 -34.12 -0.45
CA GLN E 304 -26.03 -33.48 -0.44
C GLN E 304 -25.59 -33.13 -1.86
N CYS E 305 -25.79 -34.05 -2.80
CA CYS E 305 -25.51 -33.74 -4.20
C CYS E 305 -26.50 -32.74 -4.76
N GLN E 306 -27.70 -32.65 -4.17
CA GLN E 306 -28.68 -31.68 -4.64
C GLN E 306 -28.23 -30.25 -4.37
N PHE E 307 -27.71 -29.99 -3.16
CA PHE E 307 -27.16 -28.66 -2.90
C PHE E 307 -25.81 -28.46 -3.59
N GLU E 308 -24.96 -29.48 -3.57
CA GLU E 308 -23.62 -29.32 -4.14
C GLU E 308 -23.66 -29.06 -5.64
N ASP E 309 -24.64 -29.62 -6.35
CA ASP E 309 -24.71 -29.46 -7.79
C ASP E 309 -24.99 -28.02 -8.21
N LEU E 310 -25.41 -27.15 -7.28
CA LEU E 310 -25.62 -25.74 -7.59
C LEU E 310 -24.32 -25.00 -7.82
N ASN E 311 -23.17 -25.62 -7.54
CA ASN E 311 -21.87 -24.97 -7.71
C ASN E 311 -21.42 -25.14 -9.16
N LYS E 312 -22.11 -24.40 -10.05
CA LYS E 312 -21.70 -24.38 -11.44
C LYS E 312 -20.33 -23.72 -11.61
N ARG E 313 -19.95 -22.86 -10.68
CA ARG E 313 -18.65 -22.17 -10.72
C ARG E 313 -17.69 -22.76 -9.70
N LYS E 314 -17.71 -24.08 -9.53
CA LYS E 314 -16.77 -24.75 -8.63
C LYS E 314 -15.33 -24.60 -9.12
N ASP E 315 -15.16 -24.01 -10.31
CA ASP E 315 -13.82 -23.78 -10.85
C ASP E 315 -12.99 -22.84 -9.98
N THR E 316 -13.61 -22.11 -9.06
CA THR E 316 -12.89 -21.13 -8.25
C THR E 316 -13.11 -21.33 -6.75
N LYS E 317 -14.19 -22.02 -6.39
CA LYS E 317 -14.62 -22.12 -5.00
C LYS E 317 -14.69 -23.58 -4.56
N GLU E 318 -14.40 -23.82 -3.29
CA GLU E 318 -14.51 -25.13 -2.67
C GLU E 318 -15.73 -25.17 -1.75
N ILE E 319 -16.17 -26.38 -1.44
CA ILE E 319 -17.28 -26.60 -0.53
C ILE E 319 -16.97 -27.79 0.34
N TYR E 320 -17.34 -27.71 1.62
CA TYR E 320 -17.23 -28.80 2.57
C TYR E 320 -18.59 -29.06 3.20
N THR E 321 -18.82 -30.32 3.57
CA THR E 321 -20.09 -30.74 4.14
C THR E 321 -19.83 -31.57 5.38
N HIS E 322 -20.80 -31.54 6.29
CA HIS E 322 -20.70 -32.29 7.54
C HIS E 322 -22.07 -32.28 8.22
N PHE E 323 -22.46 -33.45 8.73
CA PHE E 323 -23.70 -33.56 9.49
C PHE E 323 -23.48 -33.09 10.92
N THR E 324 -24.59 -32.85 11.61
CA THR E 324 -24.54 -32.35 12.97
C THR E 324 -25.86 -32.61 13.67
N CYS E 325 -25.83 -32.56 14.99
CA CYS E 325 -27.04 -32.64 15.81
C CYS E 325 -26.83 -31.78 17.04
N ALA E 326 -27.92 -31.57 17.79
CA ALA E 326 -27.89 -30.65 18.92
C ALA E 326 -26.99 -31.13 20.06
N THR E 327 -26.55 -32.39 20.05
CA THR E 327 -25.80 -32.95 21.17
C THR E 327 -24.44 -33.50 20.76
N ASP E 328 -24.01 -33.32 19.51
CA ASP E 328 -22.72 -33.86 19.10
C ASP E 328 -21.55 -33.03 19.64
N THR E 329 -21.72 -31.72 19.77
CA THR E 329 -20.70 -30.85 20.33
C THR E 329 -19.34 -31.10 19.66
N LYS E 330 -19.35 -31.19 18.33
CA LYS E 330 -18.11 -31.39 17.59
C LYS E 330 -18.07 -30.57 16.30
N ASN E 331 -18.89 -29.53 16.18
CA ASN E 331 -18.84 -28.67 15.00
C ASN E 331 -17.52 -27.91 14.92
N VAL E 332 -16.99 -27.48 16.06
CA VAL E 332 -15.82 -26.60 16.06
C VAL E 332 -14.65 -27.26 15.33
N GLN E 333 -14.53 -28.58 15.41
CA GLN E 333 -13.44 -29.26 14.71
C GLN E 333 -13.60 -29.12 13.21
N PHE E 334 -14.81 -29.32 12.68
CA PHE E 334 -15.02 -29.16 11.25
C PHE E 334 -14.80 -27.72 10.81
N VAL E 335 -15.26 -26.76 11.61
CA VAL E 335 -15.01 -25.36 11.29
C VAL E 335 -13.51 -25.08 11.29
N PHE E 336 -12.79 -25.68 12.23
CA PHE E 336 -11.34 -25.49 12.28
C PHE E 336 -10.68 -26.04 11.02
N ASP E 337 -11.08 -27.23 10.58
CA ASP E 337 -10.52 -27.78 9.35
C ASP E 337 -10.81 -26.87 8.17
N ALA E 338 -12.04 -26.38 8.07
CA ALA E 338 -12.40 -25.52 6.94
C ALA E 338 -11.60 -24.22 6.95
N VAL E 339 -11.48 -23.58 8.12
CA VAL E 339 -10.74 -22.32 8.19
C VAL E 339 -9.26 -22.56 7.92
N THR E 340 -8.70 -23.69 8.37
CA THR E 340 -7.32 -23.99 8.04
C THR E 340 -7.13 -24.13 6.54
N ASP E 341 -8.04 -24.83 5.87
CA ASP E 341 -7.95 -24.98 4.43
C ASP E 341 -8.00 -23.61 3.75
N VAL E 342 -8.94 -22.76 4.17
CA VAL E 342 -9.07 -21.45 3.52
C VAL E 342 -7.84 -20.59 3.79
N ILE E 343 -7.29 -20.64 5.01
CA ILE E 343 -6.11 -19.84 5.32
C ILE E 343 -4.92 -20.29 4.48
N ILE E 344 -4.73 -21.60 4.35
CA ILE E 344 -3.63 -22.10 3.52
C ILE E 344 -3.81 -21.65 2.09
N LYS E 345 -5.04 -21.75 1.56
CA LYS E 345 -5.28 -21.34 0.19
C LYS E 345 -5.00 -19.86 0.00
N ASN E 346 -5.46 -19.02 0.91
CA ASN E 346 -5.26 -17.58 0.78
C ASN E 346 -3.78 -17.23 0.89
N ASN E 347 -3.04 -17.90 1.79
CA ASN E 347 -1.61 -17.64 1.91
C ASN E 347 -0.89 -18.03 0.62
N LEU E 348 -1.27 -19.16 0.02
CA LEU E 348 -0.64 -19.57 -1.23
C LEU E 348 -0.97 -18.60 -2.37
N LYS E 349 -2.21 -18.12 -2.42
CA LYS E 349 -2.64 -17.28 -3.53
C LYS E 349 -2.10 -15.86 -3.41
N ASP E 350 -1.97 -15.34 -2.19
CA ASP E 350 -1.64 -13.93 -1.99
C ASP E 350 -0.14 -13.70 -1.87
N CYS E 351 0.55 -14.51 -1.07
CA CYS E 351 1.97 -14.33 -0.79
C CYS E 351 2.86 -15.27 -1.59
N GLY E 352 2.46 -16.53 -1.76
CA GLY E 352 3.30 -17.50 -2.44
C GLY E 352 3.35 -17.40 -3.94
N LEU E 353 2.50 -16.56 -4.54
CA LEU E 353 2.48 -16.35 -5.98
C LEU E 353 2.18 -17.64 -6.74
N PHE E 354 1.42 -18.54 -6.15
CA PHE E 354 0.95 -19.73 -6.85
C PHE E 354 -0.24 -19.39 -7.73
N ASP F 21 -8.65 18.10 35.95
CA ASP F 21 -7.96 19.02 35.00
C ASP F 21 -6.60 18.48 34.60
N VAL F 22 -5.85 19.28 33.84
CA VAL F 22 -4.52 18.89 33.38
C VAL F 22 -3.50 19.47 34.35
N GLN F 23 -2.59 18.60 34.83
CA GLN F 23 -1.55 18.99 35.75
C GLN F 23 -0.23 18.38 35.30
N LEU F 24 0.86 19.02 35.72
CA LEU F 24 2.19 18.54 35.37
C LEU F 24 3.15 19.06 36.44
N VAL F 25 3.51 18.19 37.39
CA VAL F 25 4.32 18.56 38.53
C VAL F 25 5.67 17.86 38.42
N GLU F 26 6.67 18.44 39.09
CA GLU F 26 8.02 17.92 39.04
C GLU F 26 8.70 18.17 40.39
N SER F 27 9.70 17.35 40.69
CA SER F 27 10.40 17.43 41.96
C SER F 27 11.82 16.91 41.78
N GLY F 28 12.68 17.26 42.73
CA GLY F 28 14.07 16.81 42.70
C GLY F 28 15.08 17.91 42.98
N GLY F 29 14.61 19.06 43.45
CA GLY F 29 15.48 20.18 43.72
C GLY F 29 16.14 20.08 45.09
N GLY F 30 16.96 21.08 45.38
CA GLY F 30 17.66 21.15 46.64
C GLY F 30 19.03 21.77 46.46
N LEU F 31 19.86 21.60 47.49
CA LEU F 31 21.22 22.09 47.48
C LEU F 31 22.17 20.98 47.07
N VAL F 32 23.03 21.27 46.09
CA VAL F 32 23.97 20.30 45.55
C VAL F 32 25.35 20.94 45.52
N GLN F 33 26.36 20.21 46.00
CA GLN F 33 27.72 20.72 45.99
C GLN F 33 28.24 20.78 44.55
N PRO F 34 29.19 21.68 44.27
CA PRO F 34 29.73 21.77 42.92
C PRO F 34 30.42 20.47 42.51
N GLY F 35 30.28 20.12 41.24
CA GLY F 35 30.89 18.92 40.70
C GLY F 35 30.15 17.64 41.01
N GLY F 36 29.01 17.71 41.69
CA GLY F 36 28.25 16.53 42.05
C GLY F 36 27.24 16.15 40.97
N SER F 37 26.32 15.27 41.37
CA SER F 37 25.26 14.81 40.49
C SER F 37 23.93 14.87 41.23
N ARG F 38 22.86 15.11 40.47
CA ARG F 38 21.52 15.16 41.04
C ARG F 38 20.54 14.65 40.00
N LYS F 39 19.36 14.23 40.47
CA LYS F 39 18.36 13.61 39.63
C LYS F 39 17.01 14.25 39.92
N LEU F 40 16.28 14.60 38.87
CA LEU F 40 14.94 15.16 39.00
C LEU F 40 14.03 14.55 37.93
N SER F 41 12.74 14.49 38.25
CA SER F 41 11.76 13.83 37.40
C SER F 41 10.54 14.72 37.24
N CYS F 42 9.81 14.50 36.14
CA CYS F 42 8.63 15.27 35.77
C CYS F 42 7.46 14.31 35.62
N SER F 43 6.56 14.31 36.60
CA SER F 43 5.37 13.46 36.58
C SER F 43 4.25 14.18 35.84
N ALA F 44 3.63 13.48 34.89
CA ALA F 44 2.58 14.04 34.06
C ALA F 44 1.30 13.24 34.25
N SER F 45 0.16 13.95 34.23
CA SER F 45 -1.13 13.31 34.39
C SER F 45 -2.18 14.12 33.65
N GLY F 46 -3.28 13.47 33.30
CA GLY F 46 -4.39 14.14 32.67
C GLY F 46 -4.27 14.33 31.17
N PHE F 47 -3.28 13.74 30.53
CA PHE F 47 -3.18 13.83 29.07
C PHE F 47 -2.28 12.70 28.57
N ALA F 48 -2.41 12.42 27.27
CA ALA F 48 -1.65 11.36 26.63
C ALA F 48 -0.18 11.74 26.64
N PHE F 49 0.60 11.06 27.49
CA PHE F 49 2.00 11.40 27.64
C PHE F 49 2.82 10.91 26.44
N SER F 50 2.53 9.71 25.95
CA SER F 50 3.37 9.10 24.93
C SER F 50 3.30 9.87 23.62
N SER F 51 2.22 10.60 23.37
CA SER F 51 2.01 11.29 22.11
C SER F 51 2.65 12.67 22.05
N PHE F 52 3.25 13.14 23.14
CA PHE F 52 3.84 14.47 23.22
C PHE F 52 5.34 14.37 23.45
N GLY F 53 6.11 15.07 22.62
CA GLY F 53 7.52 15.27 22.90
C GLY F 53 7.69 16.46 23.82
N MET F 54 8.60 16.33 24.79
CA MET F 54 8.71 17.29 25.87
C MET F 54 10.12 17.85 25.96
N HIS F 55 10.21 19.10 26.41
CA HIS F 55 11.43 19.86 26.50
C HIS F 55 11.84 20.03 27.97
N TRP F 56 13.00 20.66 28.16
CA TRP F 56 13.42 21.16 29.46
C TRP F 56 13.89 22.60 29.30
N VAL F 57 13.47 23.46 30.22
CA VAL F 57 13.79 24.88 30.20
C VAL F 57 14.34 25.28 31.56
N ARG F 58 15.20 26.29 31.55
CA ARG F 58 15.86 26.76 32.76
C ARG F 58 15.73 28.27 32.86
N GLN F 59 15.86 28.78 34.09
CA GLN F 59 15.79 30.20 34.34
C GLN F 59 16.77 30.57 35.44
N ALA F 60 17.63 31.55 35.17
CA ALA F 60 18.53 32.04 36.18
C ALA F 60 17.78 32.86 37.22
N PRO F 61 18.40 33.13 38.37
CA PRO F 61 17.69 33.88 39.42
C PRO F 61 17.13 35.20 38.95
N GLU F 62 17.80 35.90 38.05
CA GLU F 62 17.35 37.19 37.56
C GLU F 62 17.32 37.31 36.04
N LYS F 63 18.07 36.49 35.31
CA LYS F 63 18.14 36.61 33.86
C LYS F 63 16.94 35.90 33.23
N GLY F 64 17.00 35.68 31.93
CA GLY F 64 15.89 35.11 31.17
C GLY F 64 15.94 33.60 31.09
N LEU F 65 15.28 33.07 30.07
CA LEU F 65 15.12 31.64 29.88
C LEU F 65 16.15 31.09 28.91
N GLU F 66 16.37 29.78 28.99
CA GLU F 66 17.25 29.08 28.07
C GLU F 66 16.72 27.68 27.86
N TRP F 67 17.13 27.08 26.74
CA TRP F 67 16.65 25.77 26.32
C TRP F 67 17.74 24.72 26.56
N VAL F 68 17.35 23.58 27.12
CA VAL F 68 18.28 22.58 27.63
C VAL F 68 18.27 21.32 26.78
N ALA F 69 17.14 20.62 26.71
CA ALA F 69 17.10 19.32 26.06
C ALA F 69 15.72 19.08 25.47
N TYR F 70 15.66 18.10 24.57
CA TYR F 70 14.42 17.75 23.88
C TYR F 70 14.39 16.24 23.65
N ILE F 71 13.24 15.63 23.91
CA ILE F 71 13.00 14.21 23.66
C ILE F 71 11.67 14.08 22.92
N SER F 72 11.66 13.30 21.85
CA SER F 72 10.51 13.18 20.98
C SER F 72 9.69 11.94 21.32
N SER F 73 8.54 11.83 20.68
CA SER F 73 7.71 10.64 20.85
C SER F 73 8.42 9.43 20.24
N GLY F 74 8.53 8.36 21.02
CA GLY F 74 9.27 7.19 20.61
C GLY F 74 10.76 7.27 20.84
N SER F 75 11.26 8.41 21.33
CA SER F 75 12.68 8.57 21.66
C SER F 75 13.57 8.27 20.45
N GLY F 76 13.15 8.74 19.28
CA GLY F 76 13.93 8.57 18.07
C GLY F 76 14.79 9.76 17.75
N THR F 77 14.55 10.89 18.41
CA THR F 77 15.33 12.10 18.20
C THR F 77 15.55 12.80 19.53
N ILE F 78 16.78 13.21 19.79
CA ILE F 78 17.14 13.90 21.01
C ILE F 78 18.11 15.02 20.66
N TYR F 79 17.93 16.18 21.30
CA TYR F 79 18.78 17.34 21.08
C TYR F 79 19.18 17.94 22.41
N TYR F 80 20.33 18.62 22.42
CA TYR F 80 20.82 19.30 23.61
C TYR F 80 21.35 20.67 23.21
N ALA F 81 21.53 21.52 24.22
CA ALA F 81 22.17 22.80 24.01
C ALA F 81 23.68 22.63 23.91
N ASP F 82 24.33 23.61 23.28
CA ASP F 82 25.78 23.58 23.13
C ASP F 82 26.52 23.71 24.46
N THR F 83 25.84 24.15 25.51
CA THR F 83 26.43 24.28 26.85
C THR F 83 26.02 23.17 27.79
N VAL F 84 25.32 22.15 27.28
CA VAL F 84 24.76 21.09 28.11
C VAL F 84 25.25 19.73 27.64
N LYS F 85 25.60 19.63 26.35
CA LYS F 85 25.96 18.35 25.78
C LYS F 85 27.16 17.75 26.49
N GLY F 86 27.09 16.45 26.77
CA GLY F 86 28.13 15.74 27.47
C GLY F 86 27.98 15.70 28.97
N ARG F 87 27.14 16.57 29.54
CA ARG F 87 26.88 16.58 30.98
C ARG F 87 25.52 15.98 31.33
N PHE F 88 24.45 16.47 30.69
CA PHE F 88 23.11 16.02 31.01
C PHE F 88 22.69 14.87 30.10
N THR F 89 21.58 14.24 30.45
CA THR F 89 20.97 13.20 29.63
C THR F 89 19.48 13.18 29.92
N ILE F 90 18.70 12.86 28.90
CA ILE F 90 17.25 12.92 28.96
C ILE F 90 16.69 11.56 28.58
N SER F 91 15.73 11.07 29.37
CA SER F 91 15.06 9.81 29.08
C SER F 91 13.63 9.91 29.59
N ARG F 92 12.78 9.05 29.03
CA ARG F 92 11.36 9.04 29.38
C ARG F 92 10.90 7.60 29.59
N ASP F 93 9.96 7.44 30.50
CA ASP F 93 9.35 6.14 30.81
C ASP F 93 7.85 6.28 30.55
N ASP F 94 7.44 5.97 29.32
CA ASP F 94 6.05 6.13 28.94
C ASP F 94 5.08 5.37 29.83
N PRO F 95 5.34 4.12 30.21
CA PRO F 95 4.31 3.37 30.97
C PRO F 95 3.86 4.06 32.25
N LYS F 96 4.77 4.71 32.97
CA LYS F 96 4.43 5.37 34.23
C LYS F 96 4.39 6.88 34.12
N ASN F 97 4.52 7.44 32.91
CA ASN F 97 4.34 8.87 32.68
C ASN F 97 5.26 9.70 33.57
N THR F 98 6.56 9.56 33.32
CA THR F 98 7.56 10.29 34.09
C THR F 98 8.80 10.52 33.23
N LEU F 99 9.20 11.77 33.07
CA LEU F 99 10.46 12.09 32.43
C LEU F 99 11.61 12.01 33.44
N PHE F 100 12.83 12.18 32.95
CA PHE F 100 14.01 12.16 33.80
C PHE F 100 15.10 13.01 33.16
N LEU F 101 15.85 13.71 34.01
CA LEU F 101 17.01 14.48 33.57
C LEU F 101 18.13 14.23 34.58
N GLN F 102 19.11 13.42 34.20
CA GLN F 102 20.23 13.10 35.07
C GLN F 102 21.39 14.02 34.73
N MET F 103 21.83 14.81 35.71
CA MET F 103 22.87 15.80 35.53
C MET F 103 24.12 15.39 36.30
N THR F 104 25.26 15.43 35.62
CA THR F 104 26.54 15.06 36.20
C THR F 104 27.56 16.16 35.95
N SER F 105 28.53 16.26 36.85
CA SER F 105 29.57 17.28 36.79
C SER F 105 28.96 18.68 36.67
N LEU F 106 28.20 19.03 37.70
CA LEU F 106 27.52 20.32 37.73
C LEU F 106 28.52 21.47 37.87
N ARG F 107 28.06 22.67 37.54
CA ARG F 107 28.86 23.87 37.61
C ARG F 107 28.12 24.93 38.43
N SER F 108 28.85 25.96 38.84
CA SER F 108 28.24 27.05 39.60
C SER F 108 27.19 27.78 38.78
N GLU F 109 27.48 28.02 37.50
CA GLU F 109 26.54 28.73 36.63
C GLU F 109 25.31 27.90 36.29
N ASP F 110 25.31 26.61 36.63
CA ASP F 110 24.21 25.72 36.29
C ASP F 110 22.97 25.96 37.15
N THR F 111 23.09 26.74 38.22
CA THR F 111 21.94 27.01 39.09
C THR F 111 20.83 27.69 38.31
N ALA F 112 19.61 27.18 38.47
CA ALA F 112 18.45 27.73 37.76
C ALA F 112 17.21 26.96 38.17
N MET F 113 16.05 27.57 37.92
CA MET F 113 14.77 26.92 38.11
C MET F 113 14.37 26.23 36.81
N TYR F 114 14.01 24.95 36.91
CA TYR F 114 13.77 24.11 35.74
C TYR F 114 12.26 23.88 35.59
N TYR F 115 11.74 24.24 34.42
CA TYR F 115 10.38 23.93 34.04
C TYR F 115 10.34 22.73 33.10
N CYS F 116 9.16 22.13 33.01
CA CYS F 116 8.93 20.90 32.25
C CYS F 116 7.83 21.19 31.23
N VAL F 117 8.23 21.44 29.99
CA VAL F 117 7.30 21.88 28.96
C VAL F 117 6.95 20.70 28.06
N ARG F 118 5.81 20.81 27.38
CA ARG F 118 5.34 19.78 26.46
C ARG F 118 4.99 20.41 25.13
N SER F 119 5.08 19.61 24.07
CA SER F 119 4.80 20.08 22.73
C SER F 119 4.45 18.90 21.85
N ILE F 120 3.56 19.16 20.88
CA ILE F 120 3.17 18.18 19.88
C ILE F 120 3.24 18.82 18.51
N TYR F 121 3.73 18.09 17.53
CA TYR F 121 3.98 18.64 16.20
C TYR F 121 3.14 17.89 15.17
N TYR F 122 2.11 18.55 14.66
CA TYR F 122 1.40 18.12 13.46
C TYR F 122 0.77 19.36 12.84
N TYR F 123 0.34 19.23 11.59
CA TYR F 123 -0.16 20.39 10.86
C TYR F 123 -1.27 21.06 11.63
N GLY F 124 -1.04 22.30 12.05
CA GLY F 124 -2.02 23.05 12.80
C GLY F 124 -1.95 22.89 14.31
N SER F 125 -0.83 22.42 14.83
CA SER F 125 -0.70 22.16 16.26
C SER F 125 -0.30 23.43 16.99
N SER F 126 -0.17 23.32 18.32
CA SER F 126 0.21 24.44 19.19
C SER F 126 1.34 23.99 20.10
N PRO F 127 2.56 23.94 19.60
CA PRO F 127 3.70 23.55 20.45
C PRO F 127 3.88 24.49 21.63
N PHE F 128 4.40 23.94 22.72
CA PHE F 128 4.69 24.71 23.93
C PHE F 128 3.40 25.26 24.54
N ASP F 129 2.40 24.39 24.68
CA ASP F 129 1.09 24.79 25.15
C ASP F 129 0.91 24.66 26.66
N PHE F 130 1.85 24.04 27.37
CA PHE F 130 1.73 23.88 28.81
C PHE F 130 3.11 23.89 29.45
N TRP F 131 3.19 24.49 30.63
CA TRP F 131 4.43 24.61 31.38
C TRP F 131 4.19 24.15 32.82
N GLY F 132 5.21 23.52 33.40
CA GLY F 132 5.10 23.01 34.74
C GLY F 132 5.27 24.08 35.81
N GLN F 133 4.97 23.69 37.05
CA GLN F 133 5.11 24.61 38.16
C GLN F 133 6.57 24.98 38.39
N GLY F 134 7.47 24.03 38.25
CA GLY F 134 8.89 24.30 38.31
C GLY F 134 9.52 23.87 39.62
N THR F 135 10.81 23.56 39.57
CA THR F 135 11.59 23.20 40.74
C THR F 135 12.84 24.07 40.81
N THR F 136 13.35 24.28 42.01
CA THR F 136 14.51 25.13 42.24
C THR F 136 15.73 24.25 42.54
N LEU F 137 16.83 24.54 41.84
CA LEU F 137 18.09 23.85 42.05
C LEU F 137 19.16 24.88 42.33
N THR F 138 19.94 24.66 43.39
CA THR F 138 20.96 25.61 43.83
C THR F 138 22.30 24.91 43.93
N VAL F 139 23.35 25.61 43.51
CA VAL F 139 24.72 25.12 43.59
C VAL F 139 25.47 25.97 44.61
N SER F 140 26.25 25.31 45.46
CA SER F 140 26.91 26.02 46.56
C SER F 140 27.82 27.13 46.05
N SER F 141 28.34 26.99 44.83
CA SER F 141 29.22 27.99 44.24
C SER F 141 30.53 28.13 45.03
N SER F 156 26.80 31.85 14.42
CA SER F 156 26.66 30.39 14.40
C SER F 156 25.19 29.98 14.54
N ASP F 157 24.56 30.43 15.62
CA ASP F 157 23.17 30.12 15.91
C ASP F 157 22.36 31.42 15.97
N ILE F 158 21.04 31.29 15.82
CA ILE F 158 20.19 32.45 15.78
C ILE F 158 20.28 33.21 17.09
N VAL F 159 20.30 34.54 17.00
CA VAL F 159 20.33 35.41 18.16
C VAL F 159 19.13 36.34 18.08
N MET F 160 18.35 36.40 19.15
CA MET F 160 17.14 37.20 19.21
C MET F 160 17.41 38.44 20.05
N THR F 161 17.20 39.62 19.47
CA THR F 161 17.42 40.89 20.15
C THR F 161 16.08 41.51 20.49
N GLN F 162 15.93 41.93 21.74
CA GLN F 162 14.68 42.50 22.23
C GLN F 162 15.05 43.65 23.18
N ALA F 163 15.05 44.86 22.65
CA ALA F 163 15.49 46.04 23.39
C ALA F 163 14.36 46.52 24.31
N THR F 164 14.50 47.75 24.80
CA THR F 164 13.51 48.39 25.68
C THR F 164 13.07 47.45 26.81
N SER F 165 14.04 47.12 27.66
CA SER F 165 13.78 46.22 28.78
C SER F 165 12.71 46.75 29.71
N SER F 166 12.47 48.07 29.73
CA SER F 166 11.46 48.68 30.59
C SER F 166 10.47 49.44 29.74
N VAL F 167 9.18 49.27 30.03
CA VAL F 167 8.12 49.94 29.29
C VAL F 167 7.02 50.36 30.25
N PRO F 168 6.97 51.63 30.67
CA PRO F 168 5.89 52.06 31.55
C PRO F 168 4.55 52.06 30.83
N VAL F 169 3.48 51.81 31.59
CA VAL F 169 2.14 51.73 31.04
C VAL F 169 1.15 51.87 32.17
N THR F 170 -0.09 52.20 31.82
CA THR F 170 -1.20 52.30 32.76
C THR F 170 -2.37 51.47 32.26
N PRO F 171 -3.23 50.99 33.16
CA PRO F 171 -4.38 50.20 32.72
C PRO F 171 -5.27 50.98 31.76
N GLY F 172 -5.78 50.28 30.75
CA GLY F 172 -6.61 50.87 29.73
C GLY F 172 -5.86 51.48 28.56
N GLU F 173 -4.54 51.50 28.60
CA GLU F 173 -3.73 52.06 27.53
C GLU F 173 -3.23 50.96 26.61
N SER F 174 -3.02 51.31 25.35
CA SER F 174 -2.54 50.38 24.34
C SER F 174 -1.03 50.51 24.20
N VAL F 175 -0.32 49.38 24.26
CA VAL F 175 1.13 49.34 24.13
C VAL F 175 1.51 48.15 23.26
N SER F 176 2.78 48.12 22.87
CA SER F 176 3.29 47.06 22.00
C SER F 176 4.76 46.81 22.30
N ILE F 177 5.23 45.64 21.91
CA ILE F 177 6.61 45.21 22.11
C ILE F 177 7.14 44.64 20.81
N SER F 178 8.41 44.91 20.52
CA SER F 178 9.03 44.50 19.26
C SER F 178 10.15 43.51 19.53
N CYS F 179 10.16 42.42 18.77
CA CYS F 179 11.22 41.41 18.83
C CYS F 179 11.85 41.28 17.45
N ARG F 180 13.17 41.05 17.44
CA ARG F 180 13.94 41.02 16.20
C ARG F 180 14.79 39.76 16.14
N SER F 181 15.07 39.31 14.93
CA SER F 181 15.85 38.11 14.70
C SER F 181 16.96 38.40 13.71
N SER F 182 18.15 37.84 13.99
CA SER F 182 19.29 38.07 13.10
C SER F 182 19.07 37.48 11.72
N LYS F 183 18.49 36.27 11.65
CA LYS F 183 18.29 35.56 10.40
C LYS F 183 16.81 35.41 10.13
N SER F 184 16.41 35.60 8.88
CA SER F 184 15.00 35.57 8.51
C SER F 184 14.39 34.22 8.86
N LEU F 185 13.20 34.26 9.47
CA LEU F 185 12.48 33.07 9.88
C LEU F 185 11.41 32.65 8.88
N LEU F 186 11.31 33.34 7.74
CA LEU F 186 10.29 33.03 6.73
C LEU F 186 10.77 31.82 5.93
N HIS F 187 10.35 30.65 6.37
CA HIS F 187 10.75 29.41 5.71
C HIS F 187 10.06 29.32 4.34
N SER F 188 10.64 28.49 3.47
CA SER F 188 10.14 28.39 2.11
C SER F 188 8.71 27.84 2.05
N ASN F 189 8.23 27.24 3.13
CA ASN F 189 6.90 26.65 3.16
C ASN F 189 5.81 27.64 3.55
N GLY F 190 6.16 28.89 3.83
CA GLY F 190 5.18 29.92 4.09
C GLY F 190 4.85 30.17 5.55
N ASN F 191 5.64 29.64 6.49
CA ASN F 191 5.40 29.81 7.91
C ASN F 191 6.57 30.53 8.55
N THR F 192 6.27 31.50 9.41
CA THR F 192 7.27 32.19 10.21
C THR F 192 7.20 31.63 11.63
N TYR F 193 8.28 30.97 12.06
CA TYR F 193 8.30 30.28 13.35
C TYR F 193 8.74 31.27 14.43
N LEU F 194 7.76 31.96 15.00
CA LEU F 194 7.96 32.84 16.14
C LEU F 194 6.91 32.56 17.19
N TYR F 195 7.29 32.72 18.45
CA TYR F 195 6.42 32.44 19.58
C TYR F 195 6.52 33.57 20.59
N TRP F 196 5.46 33.74 21.37
CA TRP F 196 5.41 34.75 22.42
C TRP F 196 4.95 34.09 23.72
N PHE F 197 5.55 34.50 24.83
CA PHE F 197 5.21 33.96 26.13
C PHE F 197 5.07 35.09 27.13
N LEU F 198 4.29 34.84 28.18
CA LEU F 198 4.10 35.80 29.27
C LEU F 198 4.30 35.07 30.59
N GLN F 199 5.13 35.64 31.45
CA GLN F 199 5.44 35.06 32.75
C GLN F 199 5.00 36.05 33.83
N ARG F 200 3.81 35.83 34.38
CA ARG F 200 3.35 36.64 35.48
C ARG F 200 4.20 36.35 36.73
N PRO F 201 4.30 37.30 37.65
CA PRO F 201 5.10 37.07 38.85
C PRO F 201 4.62 35.82 39.60
N GLY F 202 5.57 35.02 40.05
CA GLY F 202 5.24 33.82 40.81
C GLY F 202 4.43 32.81 40.05
N GLN F 203 4.61 32.73 38.73
CA GLN F 203 3.87 31.77 37.91
C GLN F 203 4.73 31.34 36.74
N SER F 204 4.39 30.18 36.17
CA SER F 204 5.10 29.66 35.03
C SER F 204 4.69 30.38 33.75
N PRO F 205 5.55 30.35 32.73
CA PRO F 205 5.19 31.01 31.46
C PRO F 205 3.97 30.37 30.82
N GLN F 206 3.25 31.18 30.03
CA GLN F 206 2.08 30.74 29.30
C GLN F 206 2.22 31.16 27.84
N LEU F 207 1.65 30.36 26.95
CA LEU F 207 1.77 30.62 25.52
C LEU F 207 0.71 31.63 25.08
N LEU F 208 1.13 32.59 24.28
CA LEU F 208 0.27 33.65 23.77
C LEU F 208 0.07 33.58 22.26
N ILE F 209 1.15 33.57 21.49
CA ILE F 209 1.09 33.53 20.04
C ILE F 209 2.05 32.46 19.54
N TYR F 210 1.61 31.67 18.56
CA TYR F 210 2.46 30.67 17.93
C TYR F 210 2.43 30.86 16.42
N ARG F 211 3.62 30.84 15.81
CA ARG F 211 3.82 31.13 14.39
C ARG F 211 3.36 32.54 14.03
N MET F 212 3.46 33.47 14.97
CA MET F 212 3.40 34.90 14.69
C MET F 212 2.01 35.42 14.34
N SER F 213 1.05 34.52 14.12
CA SER F 213 -0.28 34.96 13.68
C SER F 213 -1.44 34.20 14.30
N ASN F 214 -1.20 33.29 15.23
CA ASN F 214 -2.25 32.43 15.78
C ASN F 214 -2.31 32.60 17.29
N LEU F 215 -3.51 32.86 17.80
CA LEU F 215 -3.72 32.94 19.24
C LEU F 215 -3.82 31.54 19.83
N ALA F 216 -3.10 31.31 20.92
CA ALA F 216 -3.14 30.01 21.57
C ALA F 216 -4.49 29.80 22.26
N SER F 217 -4.82 28.54 22.51
CA SER F 217 -6.10 28.21 23.12
C SER F 217 -6.23 28.90 24.47
N GLY F 218 -7.38 29.52 24.70
CA GLY F 218 -7.66 30.18 25.97
C GLY F 218 -7.10 31.58 26.10
N VAL F 219 -6.40 32.09 25.10
CA VAL F 219 -5.85 33.44 25.17
C VAL F 219 -6.93 34.44 24.81
N PRO F 220 -7.01 35.59 25.49
CA PRO F 220 -7.98 36.61 25.08
C PRO F 220 -7.72 37.11 23.68
N ASP F 221 -8.79 37.52 23.00
CA ASP F 221 -8.68 38.08 21.66
C ASP F 221 -8.06 39.46 21.64
N ARG F 222 -7.71 40.03 22.80
CA ARG F 222 -7.10 41.34 22.82
C ARG F 222 -5.77 41.35 22.08
N PHE F 223 -4.97 40.31 22.26
CA PHE F 223 -3.63 40.27 21.71
C PHE F 223 -3.66 40.03 20.21
N SER F 224 -2.56 40.39 19.55
CA SER F 224 -2.41 40.18 18.12
C SER F 224 -0.93 40.17 17.79
N GLY F 225 -0.61 39.61 16.62
CA GLY F 225 0.77 39.50 16.18
C GLY F 225 0.94 39.67 14.69
N SER F 226 2.00 40.36 14.29
CA SER F 226 2.29 40.58 12.87
C SER F 226 3.74 41.00 12.73
N GLY F 227 4.23 40.95 11.51
CA GLY F 227 5.59 41.37 11.22
C GLY F 227 6.12 40.69 9.98
N SER F 228 7.27 41.18 9.53
CA SER F 228 7.93 40.64 8.35
C SER F 228 8.76 39.42 8.76
N GLY F 229 9.64 38.97 7.86
CA GLY F 229 10.49 37.84 8.14
C GLY F 229 11.64 38.10 9.09
N THR F 230 11.89 39.36 9.44
CA THR F 230 12.96 39.71 10.36
C THR F 230 12.53 40.63 11.50
N ALA F 231 11.44 41.37 11.35
CA ALA F 231 10.92 42.25 12.39
C ALA F 231 9.56 41.74 12.84
N PHE F 232 9.31 41.82 14.14
CA PHE F 232 8.09 41.28 14.72
C PHE F 232 7.55 42.24 15.76
N THR F 233 6.25 42.15 16.02
CA THR F 233 5.62 43.00 17.01
C THR F 233 4.37 42.31 17.55
N LEU F 234 4.07 42.59 18.82
CA LEU F 234 2.89 42.10 19.49
C LEU F 234 2.16 43.29 20.09
N THR F 235 0.88 43.43 19.77
CA THR F 235 0.09 44.59 20.18
C THR F 235 -1.02 44.14 21.11
N ILE F 236 -1.15 44.83 22.24
CA ILE F 236 -2.23 44.61 23.19
C ILE F 236 -3.21 45.75 23.00
N SER F 237 -4.43 45.42 22.53
CA SER F 237 -5.39 46.46 22.20
C SER F 237 -5.80 47.25 23.43
N ARG F 238 -6.01 46.56 24.56
CA ARG F 238 -6.51 47.21 25.77
C ARG F 238 -5.92 46.48 26.97
N LEU F 239 -5.08 47.16 27.74
CA LEU F 239 -4.36 46.54 28.83
C LEU F 239 -5.27 46.34 30.04
N GLU F 240 -4.90 45.37 30.87
CA GLU F 240 -5.55 45.14 32.15
C GLU F 240 -4.48 44.81 33.18
N ALA F 241 -4.83 44.99 34.45
CA ALA F 241 -3.89 44.71 35.51
C ALA F 241 -3.55 43.23 35.62
N GLU F 242 -4.32 42.36 34.98
CA GLU F 242 -4.13 40.91 35.13
C GLU F 242 -3.04 40.36 34.22
N ASP F 243 -2.58 41.13 33.24
CA ASP F 243 -1.61 40.62 32.28
C ASP F 243 -0.32 41.43 32.29
N VAL F 244 0.21 41.69 33.48
CA VAL F 244 1.47 42.39 33.66
C VAL F 244 2.56 41.38 33.96
N GLY F 245 3.72 41.54 33.32
CA GLY F 245 4.80 40.61 33.52
C GLY F 245 5.92 40.86 32.52
N VAL F 246 6.63 39.79 32.20
CA VAL F 246 7.75 39.83 31.25
C VAL F 246 7.34 39.03 30.02
N TYR F 247 7.53 39.63 28.84
CA TYR F 247 7.15 39.02 27.57
C TYR F 247 8.41 38.58 26.85
N TYR F 248 8.44 37.31 26.44
CA TYR F 248 9.58 36.73 25.73
C TYR F 248 9.16 36.33 24.31
N CYS F 249 10.14 36.33 23.41
CA CYS F 249 9.96 35.87 22.04
C CYS F 249 10.95 34.74 21.76
N MET F 250 10.46 33.66 21.16
CA MET F 250 11.25 32.45 20.95
C MET F 250 11.14 32.03 19.49
N GLN F 251 12.24 31.44 18.99
CA GLN F 251 12.35 31.04 17.60
C GLN F 251 12.42 29.52 17.50
N HIS F 252 11.69 28.95 16.56
CA HIS F 252 11.57 27.51 16.38
C HIS F 252 11.76 27.15 14.90
N LEU F 253 12.76 27.74 14.27
CA LEU F 253 13.08 27.44 12.88
C LEU F 253 14.06 26.26 12.77
N GLU F 254 15.10 26.27 13.59
CA GLU F 254 16.07 25.18 13.62
C GLU F 254 16.72 25.15 14.99
N TYR F 255 16.95 23.95 15.51
CA TYR F 255 17.54 23.82 16.83
C TYR F 255 18.98 24.32 16.82
N PRO F 256 19.48 24.83 17.95
CA PRO F 256 18.81 25.00 19.25
C PRO F 256 17.85 26.18 19.27
N LEU F 257 16.84 26.15 20.15
CA LEU F 257 15.91 27.25 20.29
C LEU F 257 16.56 28.39 21.07
N THR F 258 16.11 29.60 20.79
CA THR F 258 16.67 30.80 21.40
C THR F 258 15.55 31.65 21.98
N PHE F 259 15.84 32.31 23.10
CA PHE F 259 14.88 33.17 23.78
C PHE F 259 15.44 34.59 23.88
N GLY F 260 14.54 35.56 23.95
CA GLY F 260 14.93 36.94 24.11
C GLY F 260 15.22 37.29 25.56
N ALA F 261 15.61 38.54 25.77
CA ALA F 261 15.93 39.02 27.10
C ALA F 261 14.70 39.37 27.93
N GLY F 262 13.53 39.47 27.30
CA GLY F 262 12.31 39.79 28.03
C GLY F 262 12.18 41.27 28.32
N THR F 263 10.96 41.79 28.24
CA THR F 263 10.69 43.18 28.56
C THR F 263 9.57 43.25 29.59
N LYS F 264 9.80 44.03 30.64
CA LYS F 264 8.84 44.18 31.72
C LYS F 264 7.84 45.29 31.40
N LEU F 265 6.63 45.12 31.92
CA LEU F 265 5.60 46.16 31.91
C LEU F 265 5.34 46.55 33.36
N GLU F 266 5.45 47.85 33.64
CA GLU F 266 5.37 48.36 35.01
C GLU F 266 4.11 49.20 35.15
N LEU F 267 3.39 48.98 36.25
CA LEU F 267 2.24 49.81 36.59
C LEU F 267 2.64 50.83 37.64
#